data_4LYK
#
_entry.id   4LYK
#
_cell.length_a   64.850
_cell.length_b   109.547
_cell.length_c   81.750
_cell.angle_alpha   90.000
_cell.angle_beta   99.390
_cell.angle_gamma   90.000
#
_symmetry.space_group_name_H-M   'P 1 21 1'
#
loop_
_entity.id
_entity.type
_entity.pdbx_description
1 polymer 'Cyclic di-GMP phosphodiesterase YahA'
2 non-polymer 'MAGNESIUM ION'
3 non-polymer trans-4-(hydroxymethyl)cyclohexanol
4 non-polymer 1,2-ETHANEDIOL
5 water water
#
_entity_poly.entity_id   1
_entity_poly.type   'polypeptide(L)'
_entity_poly.pdbx_seq_one_letter_code
;MHHHHHHSSGLVPRGSHDNHYHHIVTPEAISLALENHEFKPWIQPVFCAQTGVLTGCEVLVRWEHPQTGIIPPDQFIPLA
ESSGLIVIMTRQLMKQTADILMPVKHLLPDNFHIGINVSAGCFLAAGFEKECLNLVNKLGNDKIKLVLELTERNPIPVTP
EARAIFDSLHQHNITFALDDFGTGYATYRYLQAFPVDFIKIDKSFVQMASVDEISGHIVDNIVELARKPGLSIVAEGVET
QEQADLMIGKGVHFLQGYLYSPPVPGNKFISEWVMKAGG
;
_entity_poly.pdbx_strand_id   A,B,C,D
#
loop_
_chem_comp.id
_chem_comp.type
_chem_comp.name
_chem_comp.formula
EDO non-polymer 1,2-ETHANEDIOL 'C2 H6 O2'
HB0 non-polymer trans-4-(hydroxymethyl)cyclohexanol 'C7 H14 O2'
MG non-polymer 'MAGNESIUM ION' 'Mg 2'
#
# COMPACT_ATOMS: atom_id res chain seq x y z
N ILE A 24 20.77 -27.06 35.09
CA ILE A 24 19.74 -26.00 35.27
C ILE A 24 18.60 -26.17 34.25
N VAL A 25 18.80 -25.73 32.99
CA VAL A 25 17.95 -26.08 31.83
C VAL A 25 18.54 -27.16 30.89
N THR A 26 17.95 -28.35 30.95
CA THR A 26 18.42 -29.51 30.18
C THR A 26 17.29 -30.09 29.31
N PRO A 27 17.63 -30.98 28.36
CA PRO A 27 16.57 -31.65 27.61
C PRO A 27 15.66 -32.50 28.50
N GLU A 28 16.20 -33.12 29.54
CA GLU A 28 15.38 -33.90 30.42
C GLU A 28 14.44 -33.02 31.23
N ALA A 29 14.91 -31.84 31.63
CA ALA A 29 14.06 -30.91 32.38
C ALA A 29 12.94 -30.40 31.46
N ILE A 30 13.27 -30.14 30.19
CA ILE A 30 12.23 -29.79 29.22
C ILE A 30 11.21 -30.90 28.99
N SER A 31 11.68 -32.14 28.90
CA SER A 31 10.78 -33.29 28.74
C SER A 31 9.82 -33.35 29.94
N LEU A 32 10.41 -33.30 31.13
CA LEU A 32 9.64 -33.41 32.39
C LEU A 32 8.63 -32.27 32.45
N ALA A 33 9.07 -31.07 32.07
CA ALA A 33 8.20 -29.90 32.07
C ALA A 33 7.04 -30.07 31.09
N LEU A 34 7.26 -30.73 29.96
CA LEU A 34 6.19 -30.97 28.99
C LEU A 34 5.17 -31.91 29.61
N GLU A 35 5.65 -33.01 30.17
CA GLU A 35 4.74 -33.97 30.86
C GLU A 35 3.95 -33.32 32.01
N ASN A 36 4.59 -32.40 32.73
CA ASN A 36 3.95 -31.68 33.83
C ASN A 36 3.18 -30.44 33.37
N HIS A 37 2.98 -30.28 32.07
N HIS A 37 2.98 -30.29 32.05
CA HIS A 37 2.23 -29.17 31.50
CA HIS A 37 2.26 -29.17 31.44
C HIS A 37 2.67 -27.79 31.98
C HIS A 37 2.67 -27.78 31.97
N GLU A 38 3.97 -27.56 32.12
CA GLU A 38 4.49 -26.28 32.61
C GLU A 38 4.65 -25.23 31.51
N PHE A 39 4.50 -25.66 30.24
CA PHE A 39 4.61 -24.77 29.08
C PHE A 39 3.21 -24.31 28.68
N LYS A 40 2.95 -23.04 28.88
CA LYS A 40 1.61 -22.50 28.63
C LYS A 40 1.48 -21.64 27.38
N PRO A 41 0.33 -21.75 26.60
CA PRO A 41 0.13 -20.86 25.47
C PRO A 41 -0.36 -19.55 26.01
N TRP A 42 0.45 -18.51 25.90
CA TRP A 42 0.05 -17.13 26.08
C TRP A 42 -0.23 -16.58 24.68
N ILE A 43 -1.09 -15.60 24.60
CA ILE A 43 -1.63 -15.19 23.33
C ILE A 43 -1.51 -13.68 23.26
N GLN A 44 -0.96 -13.18 22.15
CA GLN A 44 -0.83 -11.73 21.98
C GLN A 44 -1.74 -11.28 20.86
N PRO A 45 -2.62 -10.32 21.14
CA PRO A 45 -3.43 -9.85 20.04
C PRO A 45 -2.66 -9.08 18.94
N VAL A 46 -3.22 -9.17 17.73
CA VAL A 46 -2.78 -8.44 16.55
C VAL A 46 -3.93 -7.64 15.94
N PHE A 47 -3.61 -6.45 15.44
CA PHE A 47 -4.62 -5.48 15.05
C PHE A 47 -4.43 -4.92 13.66
N CYS A 48 -5.53 -4.48 13.07
CA CYS A 48 -5.51 -3.76 11.79
C CYS A 48 -4.89 -2.38 12.03
N ALA A 49 -3.90 -2.05 11.24
CA ALA A 49 -3.14 -0.80 11.42
C ALA A 49 -4.00 0.43 11.07
N GLN A 50 -4.79 0.29 10.00
CA GLN A 50 -5.75 1.32 9.56
C GLN A 50 -6.78 1.69 10.63
N THR A 51 -7.40 0.70 11.27
CA THR A 51 -8.59 0.91 12.11
C THR A 51 -8.44 0.63 13.60
N GLY A 52 -7.37 -0.05 14.00
CA GLY A 52 -7.20 -0.43 15.43
C GLY A 52 -7.95 -1.68 15.85
N VAL A 53 -8.67 -2.30 14.92
CA VAL A 53 -9.56 -3.45 15.20
C VAL A 53 -8.79 -4.76 15.34
N LEU A 54 -9.27 -5.63 16.22
CA LEU A 54 -8.67 -6.95 16.42
C LEU A 54 -8.82 -7.84 15.16
N THR A 55 -7.70 -8.32 14.63
CA THR A 55 -7.71 -9.14 13.42
C THR A 55 -7.17 -10.55 13.66
N GLY A 56 -6.47 -10.75 14.77
CA GLY A 56 -5.85 -12.04 15.01
C GLY A 56 -5.01 -12.08 16.28
N CYS A 57 -4.15 -13.08 16.36
CA CYS A 57 -3.28 -13.23 17.50
C CYS A 57 -2.06 -14.04 17.13
N GLU A 58 -1.07 -13.99 18.00
CA GLU A 58 0.07 -14.89 17.95
C GLU A 58 0.06 -15.71 19.23
N VAL A 59 0.35 -16.98 19.08
CA VAL A 59 0.51 -17.87 20.21
C VAL A 59 1.98 -18.01 20.61
N LEU A 60 2.27 -17.57 21.83
CA LEU A 60 3.59 -17.66 22.41
C LEU A 60 3.61 -18.56 23.60
N VAL A 61 4.78 -19.07 23.89
CA VAL A 61 4.99 -20.02 24.93
C VAL A 61 5.67 -19.38 26.16
N ARG A 62 5.17 -19.73 27.34
CA ARG A 62 5.79 -19.32 28.60
C ARG A 62 6.02 -20.52 29.49
N TRP A 63 7.25 -20.65 30.02
CA TRP A 63 7.58 -21.74 30.95
C TRP A 63 7.50 -21.22 32.37
N GLU A 64 6.46 -21.66 33.08
CA GLU A 64 6.28 -21.33 34.50
C GLU A 64 6.79 -22.48 35.34
N HIS A 65 7.99 -22.33 35.87
CA HIS A 65 8.59 -23.36 36.70
C HIS A 65 7.96 -23.22 38.06
N PRO A 66 7.42 -24.32 38.61
CA PRO A 66 6.59 -24.18 39.82
C PRO A 66 7.20 -23.42 41.04
N GLN A 67 8.49 -23.56 41.30
CA GLN A 67 9.13 -22.91 42.46
C GLN A 67 9.75 -21.56 42.11
N THR A 68 10.56 -21.58 41.08
CA THR A 68 11.49 -20.53 40.75
C THR A 68 10.95 -19.48 39.76
N GLY A 69 9.87 -19.81 39.04
CA GLY A 69 9.17 -18.82 38.22
C GLY A 69 9.49 -18.92 36.74
N ILE A 70 9.53 -17.77 36.08
CA ILE A 70 9.54 -17.80 34.64
C ILE A 70 10.93 -18.17 34.18
N ILE A 71 10.96 -19.03 33.16
CA ILE A 71 12.13 -19.23 32.37
C ILE A 71 11.76 -18.75 30.99
N PRO A 72 12.42 -17.70 30.52
CA PRO A 72 11.95 -17.08 29.30
C PRO A 72 12.42 -17.84 28.08
N PRO A 73 11.70 -17.70 26.95
CA PRO A 73 11.98 -18.39 25.71
C PRO A 73 13.46 -18.42 25.33
N ASP A 74 14.17 -17.32 25.53
CA ASP A 74 15.61 -17.23 25.16
C ASP A 74 16.45 -18.32 25.79
N GLN A 75 16.03 -18.84 26.93
CA GLN A 75 16.80 -19.86 27.67
C GLN A 75 16.43 -21.30 27.39
N PHE A 76 15.29 -21.53 26.75
CA PHE A 76 14.87 -22.90 26.48
C PHE A 76 14.58 -23.25 25.03
N ILE A 77 14.16 -22.26 24.23
CA ILE A 77 13.79 -22.53 22.86
C ILE A 77 14.96 -23.15 22.08
N PRO A 78 16.16 -22.57 22.21
CA PRO A 78 17.28 -23.11 21.44
C PRO A 78 17.54 -24.59 21.74
N LEU A 79 17.47 -24.93 23.01
CA LEU A 79 17.68 -26.30 23.43
C LEU A 79 16.49 -27.22 23.08
N ALA A 80 15.30 -26.64 23.09
CA ALA A 80 14.13 -27.33 22.56
C ALA A 80 14.33 -27.66 21.10
N GLU A 81 14.89 -26.72 20.37
CA GLU A 81 15.13 -26.88 18.93
C GLU A 81 16.23 -27.91 18.63
N SER A 82 17.39 -27.79 19.26
CA SER A 82 18.47 -28.71 19.01
C SER A 82 18.15 -30.12 19.50
N SER A 83 17.43 -30.24 20.62
CA SER A 83 17.03 -31.54 21.16
C SER A 83 15.91 -32.18 20.35
N GLY A 84 15.16 -31.37 19.62
CA GLY A 84 14.00 -31.84 18.86
C GLY A 84 12.69 -31.75 19.62
N LEU A 85 12.74 -31.53 20.93
CA LEU A 85 11.55 -31.46 21.78
C LEU A 85 10.58 -30.38 21.36
N ILE A 86 11.07 -29.41 20.59
CA ILE A 86 10.21 -28.34 20.06
C ILE A 86 9.01 -28.92 19.33
N VAL A 87 9.17 -30.06 18.66
N VAL A 87 9.17 -30.05 18.67
CA VAL A 87 8.07 -30.64 17.90
CA VAL A 87 8.09 -30.62 17.91
C VAL A 87 6.90 -30.98 18.81
C VAL A 87 6.92 -30.98 18.82
N ILE A 88 7.21 -31.51 20.00
CA ILE A 88 6.20 -31.89 20.95
C ILE A 88 5.55 -30.61 21.49
N MET A 89 6.39 -29.66 21.87
CA MET A 89 5.95 -28.44 22.48
C MET A 89 4.98 -27.70 21.54
N THR A 90 5.36 -27.61 20.27
CA THR A 90 4.54 -26.91 19.29
C THR A 90 3.23 -27.65 19.06
N ARG A 91 3.30 -28.97 18.98
CA ARG A 91 2.08 -29.73 18.86
C ARG A 91 1.13 -29.43 20.05
N GLN A 92 1.65 -29.43 21.28
CA GLN A 92 0.83 -29.22 22.46
C GLN A 92 0.23 -27.84 22.45
N LEU A 93 1.03 -26.87 22.05
CA LEU A 93 0.60 -25.50 22.00
C LEU A 93 -0.57 -25.33 21.01
N MET A 94 -0.47 -25.99 19.87
CA MET A 94 -1.52 -25.93 18.86
C MET A 94 -2.80 -26.54 19.36
N LYS A 95 -2.67 -27.69 20.00
CA LYS A 95 -3.80 -28.35 20.59
C LYS A 95 -4.46 -27.47 21.67
N GLN A 96 -3.66 -26.90 22.57
CA GLN A 96 -4.18 -26.09 23.64
C GLN A 96 -4.82 -24.80 23.16
N THR A 97 -4.38 -24.30 22.03
CA THR A 97 -4.93 -23.08 21.46
C THR A 97 -6.31 -23.32 20.91
N ALA A 98 -6.48 -24.45 20.26
CA ALA A 98 -7.81 -24.91 19.84
C ALA A 98 -8.77 -25.02 21.03
N ASP A 99 -8.32 -25.66 22.11
CA ASP A 99 -9.16 -25.79 23.32
C ASP A 99 -9.55 -24.42 23.87
N ILE A 100 -8.60 -23.49 23.89
CA ILE A 100 -8.85 -22.17 24.47
C ILE A 100 -9.85 -21.37 23.66
N LEU A 101 -9.73 -21.41 22.34
CA LEU A 101 -10.56 -20.58 21.47
C LEU A 101 -11.87 -21.24 21.02
N MET A 102 -11.99 -22.56 21.16
CA MET A 102 -13.19 -23.24 20.67
C MET A 102 -14.50 -22.70 21.28
N PRO A 103 -14.53 -22.51 22.61
CA PRO A 103 -15.78 -22.04 23.24
C PRO A 103 -16.21 -20.69 22.76
N VAL A 104 -15.28 -19.91 22.24
CA VAL A 104 -15.60 -18.54 21.83
C VAL A 104 -15.46 -18.30 20.34
N LYS A 105 -15.29 -19.36 19.56
CA LYS A 105 -15.02 -19.20 18.13
C LYS A 105 -16.11 -18.45 17.36
N HIS A 106 -17.36 -18.60 17.79
CA HIS A 106 -18.46 -17.86 17.19
C HIS A 106 -18.36 -16.35 17.46
N LEU A 107 -17.59 -15.94 18.46
CA LEU A 107 -17.39 -14.53 18.80
C LEU A 107 -16.20 -13.91 18.10
N LEU A 108 -15.41 -14.71 17.42
CA LEU A 108 -14.21 -14.18 16.75
C LEU A 108 -14.61 -13.45 15.51
N PRO A 109 -13.92 -12.35 15.20
CA PRO A 109 -14.15 -11.73 13.90
C PRO A 109 -13.91 -12.73 12.76
N ASP A 110 -14.49 -12.42 11.61
CA ASP A 110 -14.28 -13.21 10.40
C ASP A 110 -12.82 -13.10 10.03
N ASN A 111 -12.29 -14.17 9.46
CA ASN A 111 -10.92 -14.20 9.00
C ASN A 111 -9.91 -13.90 10.12
N PHE A 112 -10.17 -14.50 11.29
CA PHE A 112 -9.36 -14.28 12.47
C PHE A 112 -8.06 -15.05 12.36
N HIS A 113 -6.95 -14.34 12.45
CA HIS A 113 -5.64 -14.95 12.20
C HIS A 113 -5.03 -15.55 13.44
N ILE A 114 -4.48 -16.74 13.31
CA ILE A 114 -3.82 -17.41 14.40
C ILE A 114 -2.41 -17.72 13.97
N GLY A 115 -1.49 -17.04 14.62
CA GLY A 115 -0.10 -17.18 14.35
C GLY A 115 0.56 -18.19 15.26
N ILE A 116 1.15 -19.20 14.64
CA ILE A 116 1.93 -20.21 15.32
C ILE A 116 3.41 -20.18 14.81
N ASN A 117 4.37 -20.12 15.75
CA ASN A 117 5.77 -20.14 15.42
C ASN A 117 6.24 -21.54 15.07
N VAL A 118 6.76 -21.71 13.85
CA VAL A 118 7.18 -23.01 13.29
C VAL A 118 8.63 -23.05 12.82
N SER A 119 9.42 -23.96 13.36
CA SER A 119 10.79 -24.15 12.89
C SER A 119 10.82 -25.24 11.81
N ALA A 120 11.95 -25.36 11.14
CA ALA A 120 12.13 -26.37 10.06
C ALA A 120 11.88 -27.76 10.58
N GLY A 121 12.42 -28.05 11.76
CA GLY A 121 12.19 -29.34 12.43
C GLY A 121 10.73 -29.68 12.56
N CYS A 122 9.88 -28.74 12.98
CA CYS A 122 8.43 -29.01 13.15
C CYS A 122 7.79 -29.20 11.78
N PHE A 123 8.15 -28.30 10.87
CA PHE A 123 7.59 -28.26 9.52
C PHE A 123 7.86 -29.57 8.77
N LEU A 124 9.01 -30.19 9.02
CA LEU A 124 9.39 -31.44 8.32
C LEU A 124 9.06 -32.72 9.05
N ALA A 125 8.59 -32.60 10.28
CA ALA A 125 8.29 -33.76 11.06
C ALA A 125 7.04 -34.47 10.56
N ALA A 126 7.10 -35.80 10.61
CA ALA A 126 5.90 -36.62 10.36
C ALA A 126 4.72 -36.14 11.21
N GLY A 127 3.56 -35.97 10.56
CA GLY A 127 2.33 -35.61 11.25
C GLY A 127 2.05 -34.13 11.35
N PHE A 128 2.94 -33.28 10.81
CA PHE A 128 2.74 -31.85 10.98
C PHE A 128 1.47 -31.33 10.29
N GLU A 129 1.29 -31.68 9.03
CA GLU A 129 0.11 -31.22 8.30
C GLU A 129 -1.16 -31.62 9.03
N LYS A 130 -1.18 -32.82 9.58
CA LYS A 130 -2.36 -33.29 10.27
C LYS A 130 -2.71 -32.43 11.48
N GLU A 131 -1.68 -32.04 12.23
CA GLU A 131 -1.89 -31.21 13.41
C GLU A 131 -2.47 -29.84 13.01
N CYS A 132 -2.06 -29.32 11.83
CA CYS A 132 -2.55 -28.01 11.39
C CYS A 132 -4.04 -28.11 11.01
N LEU A 133 -4.39 -29.19 10.32
CA LEU A 133 -5.79 -29.45 9.96
C LEU A 133 -6.69 -29.63 11.16
N ASN A 134 -6.23 -30.37 12.16
CA ASN A 134 -7.00 -30.55 13.36
C ASN A 134 -7.34 -29.22 14.01
N LEU A 135 -6.39 -28.29 14.02
CA LEU A 135 -6.63 -26.98 14.59
C LEU A 135 -7.69 -26.23 13.81
N VAL A 136 -7.59 -26.30 12.50
CA VAL A 136 -8.46 -25.51 11.63
C VAL A 136 -9.87 -26.10 11.63
N ASN A 137 -9.96 -27.43 11.60
CA ASN A 137 -11.26 -28.06 11.60
C ASN A 137 -12.01 -27.83 12.91
N LYS A 138 -11.32 -27.91 14.03
CA LYS A 138 -11.93 -27.62 15.32
C LYS A 138 -12.49 -26.21 15.41
N LEU A 139 -11.85 -25.27 14.75
CA LEU A 139 -12.20 -23.86 14.93
C LEU A 139 -13.06 -23.28 13.80
N GLY A 140 -13.16 -24.00 12.70
CA GLY A 140 -13.94 -23.51 11.57
C GLY A 140 -13.05 -23.20 10.38
N ASN A 141 -13.02 -24.14 9.45
CA ASN A 141 -12.32 -24.02 8.18
C ASN A 141 -12.29 -22.61 7.54
N ASP A 142 -13.39 -21.88 7.70
CA ASP A 142 -13.59 -20.61 7.00
C ASP A 142 -13.72 -19.40 7.93
N LYS A 143 -13.97 -19.61 9.22
CA LYS A 143 -13.91 -18.53 10.21
C LYS A 143 -12.46 -18.08 10.45
N ILE A 144 -11.53 -19.02 10.55
CA ILE A 144 -10.16 -18.67 10.92
C ILE A 144 -9.13 -18.92 9.85
N LYS A 145 -8.01 -18.22 10.00
CA LYS A 145 -6.89 -18.37 9.13
C LYS A 145 -5.68 -18.70 9.98
N LEU A 146 -5.15 -19.90 9.77
CA LEU A 146 -3.95 -20.34 10.43
C LEU A 146 -2.73 -19.77 9.66
N VAL A 147 -1.87 -19.10 10.39
CA VAL A 147 -0.63 -18.52 9.88
C VAL A 147 0.56 -19.16 10.52
N LEU A 148 1.28 -19.96 9.74
CA LEU A 148 2.51 -20.56 10.22
C LEU A 148 3.65 -19.57 10.07
N GLU A 149 4.15 -19.10 11.23
CA GLU A 149 5.16 -18.09 11.28
C GLU A 149 6.54 -18.78 11.27
N LEU A 150 7.16 -18.82 10.08
CA LEU A 150 8.41 -19.55 9.89
C LEU A 150 9.53 -18.78 10.55
N THR A 151 10.32 -19.43 11.38
CA THR A 151 11.36 -18.78 12.13
C THR A 151 12.57 -18.45 11.28
N GLU A 152 13.32 -17.48 11.74
CA GLU A 152 14.51 -17.02 11.08
C GLU A 152 15.76 -17.83 11.46
N ARG A 153 15.73 -18.59 12.55
CA ARG A 153 16.93 -19.26 13.07
C ARG A 153 17.15 -20.58 12.35
N ASN A 154 16.06 -21.25 12.06
CA ASN A 154 16.12 -22.63 11.61
C ASN A 154 15.27 -22.70 10.38
N PRO A 155 15.77 -22.13 9.29
CA PRO A 155 15.01 -21.98 8.08
C PRO A 155 14.65 -23.31 7.42
N ILE A 156 13.52 -23.32 6.73
CA ILE A 156 13.10 -24.49 5.98
C ILE A 156 14.08 -24.71 4.84
N PRO A 157 14.49 -25.96 4.58
CA PRO A 157 15.45 -26.12 3.51
C PRO A 157 14.76 -25.91 2.17
N VAL A 158 15.54 -25.47 1.19
CA VAL A 158 15.00 -25.09 -0.10
C VAL A 158 15.03 -26.33 -0.98
N THR A 159 14.11 -27.27 -0.77
CA THR A 159 14.13 -28.55 -1.48
C THR A 159 12.77 -28.84 -2.04
N PRO A 160 12.68 -29.75 -3.04
CA PRO A 160 11.38 -30.16 -3.56
C PRO A 160 10.43 -30.68 -2.49
N GLU A 161 10.94 -31.45 -1.55
CA GLU A 161 10.11 -32.08 -0.52
C GLU A 161 9.51 -31.05 0.43
N ALA A 162 10.30 -30.04 0.78
CA ALA A 162 9.84 -28.93 1.60
C ALA A 162 8.76 -28.13 0.90
N ARG A 163 8.94 -27.95 -0.40
CA ARG A 163 8.02 -27.19 -1.22
C ARG A 163 6.70 -27.97 -1.38
N ALA A 164 6.79 -29.29 -1.45
CA ALA A 164 5.61 -30.14 -1.53
C ALA A 164 4.74 -30.00 -0.26
N ILE A 165 5.38 -29.99 0.90
CA ILE A 165 4.67 -29.82 2.17
C ILE A 165 4.04 -28.44 2.24
N PHE A 166 4.80 -27.45 1.81
CA PHE A 166 4.35 -26.07 1.75
C PHE A 166 3.12 -25.94 0.85
N ASP A 167 3.16 -26.55 -0.34
CA ASP A 167 2.07 -26.44 -1.30
C ASP A 167 0.85 -27.18 -0.82
N SER A 168 1.06 -28.35 -0.24
CA SER A 168 -0.01 -29.15 0.33
C SER A 168 -0.78 -28.32 1.37
N LEU A 169 -0.07 -27.72 2.33
CA LEU A 169 -0.70 -26.88 3.34
C LEU A 169 -1.47 -25.71 2.72
N HIS A 170 -0.88 -25.05 1.72
CA HIS A 170 -1.57 -23.97 0.98
C HIS A 170 -2.89 -24.43 0.35
N GLN A 171 -2.90 -25.63 -0.22
CA GLN A 171 -4.12 -26.17 -0.83
C GLN A 171 -5.22 -26.35 0.21
N HIS A 172 -4.82 -26.56 1.47
CA HIS A 172 -5.72 -26.65 2.61
C HIS A 172 -6.03 -25.29 3.27
N ASN A 173 -5.70 -24.18 2.60
CA ASN A 173 -6.00 -22.80 3.06
C ASN A 173 -5.27 -22.33 4.32
N ILE A 174 -4.17 -23.01 4.62
CA ILE A 174 -3.24 -22.58 5.64
C ILE A 174 -2.24 -21.65 5.00
N THR A 175 -1.82 -20.64 5.74
CA THR A 175 -0.97 -19.61 5.20
C THR A 175 0.37 -19.52 5.94
N PHE A 176 1.29 -18.75 5.36
CA PHE A 176 2.65 -18.67 5.89
C PHE A 176 3.11 -17.23 6.08
N ALA A 177 3.95 -17.03 7.09
CA ALA A 177 4.60 -15.76 7.33
C ALA A 177 6.09 -15.99 7.42
N LEU A 178 6.87 -15.04 6.93
CA LEU A 178 8.28 -15.05 7.26
C LEU A 178 8.37 -14.19 8.50
N ASP A 179 8.72 -14.84 9.60
CA ASP A 179 8.85 -14.15 10.87
C ASP A 179 10.19 -13.47 11.03
N ASP A 180 10.21 -12.42 11.83
CA ASP A 180 11.43 -11.64 12.14
C ASP A 180 12.22 -11.34 10.88
N PHE A 181 11.49 -10.93 9.85
CA PHE A 181 12.08 -10.73 8.55
C PHE A 181 13.16 -9.67 8.66
N GLY A 182 14.26 -9.90 7.92
CA GLY A 182 15.41 -9.03 7.97
C GLY A 182 16.49 -9.45 8.95
N THR A 183 16.28 -10.56 9.65
CA THR A 183 17.25 -11.07 10.63
C THR A 183 17.40 -12.57 10.42
N GLY A 184 18.47 -13.14 10.97
CA GLY A 184 18.77 -14.54 10.82
C GLY A 184 18.91 -14.90 9.35
N TYR A 185 18.17 -15.93 8.95
CA TYR A 185 18.16 -16.42 7.58
C TYR A 185 16.93 -15.89 6.81
N ALA A 186 16.22 -14.92 7.40
CA ALA A 186 15.02 -14.39 6.75
C ALA A 186 15.42 -13.39 5.70
N THR A 187 15.75 -13.96 4.55
CA THR A 187 16.30 -13.23 3.39
C THR A 187 15.35 -13.22 2.20
N TYR A 188 15.71 -12.44 1.18
CA TYR A 188 14.99 -12.42 -0.08
C TYR A 188 14.83 -13.80 -0.63
N ARG A 189 15.83 -14.65 -0.45
CA ARG A 189 15.78 -16.02 -0.98
C ARG A 189 14.56 -16.79 -0.51
N TYR A 190 14.18 -16.63 0.75
CA TYR A 190 13.00 -17.35 1.26
C TYR A 190 11.71 -16.91 0.61
N LEU A 191 11.63 -15.63 0.29
CA LEU A 191 10.51 -15.14 -0.47
C LEU A 191 10.50 -15.67 -1.91
N GLN A 192 11.68 -15.83 -2.50
CA GLN A 192 11.80 -16.40 -3.82
C GLN A 192 11.43 -17.89 -3.84
N ALA A 193 11.87 -18.64 -2.84
CA ALA A 193 11.65 -20.09 -2.84
C ALA A 193 10.21 -20.47 -2.45
N PHE A 194 9.62 -19.69 -1.56
CA PHE A 194 8.32 -19.98 -0.98
C PHE A 194 7.39 -18.78 -1.10
N PRO A 195 6.32 -18.91 -1.88
CA PRO A 195 5.41 -17.79 -1.99
C PRO A 195 4.56 -17.67 -0.70
N VAL A 196 5.08 -16.97 0.29
CA VAL A 196 4.40 -16.79 1.54
C VAL A 196 3.32 -15.73 1.43
N ASP A 197 2.52 -15.61 2.50
CA ASP A 197 1.40 -14.70 2.51
C ASP A 197 1.61 -13.45 3.36
N PHE A 198 2.51 -13.54 4.34
CA PHE A 198 2.78 -12.44 5.26
C PHE A 198 4.26 -12.29 5.49
N ILE A 199 4.66 -11.05 5.80
CA ILE A 199 5.98 -10.77 6.30
C ILE A 199 5.78 -10.05 7.62
N LYS A 200 6.44 -10.53 8.68
CA LYS A 200 6.47 -9.84 9.95
C LYS A 200 7.79 -9.16 10.12
N ILE A 201 7.77 -7.85 10.29
CA ILE A 201 8.98 -7.08 10.39
C ILE A 201 9.59 -7.22 11.75
N ASP A 202 10.86 -7.62 11.82
CA ASP A 202 11.51 -7.73 13.11
C ASP A 202 11.42 -6.45 13.92
N LYS A 203 11.27 -6.59 15.21
CA LYS A 203 11.14 -5.42 16.08
C LYS A 203 12.39 -4.48 16.04
N SER A 204 13.56 -5.02 15.73
CA SER A 204 14.76 -4.21 15.67
C SER A 204 14.67 -3.08 14.62
N PHE A 205 13.89 -3.29 13.56
CA PHE A 205 13.63 -2.23 12.58
C PHE A 205 12.49 -1.33 13.01
N VAL A 206 11.44 -1.92 13.57
CA VAL A 206 10.27 -1.14 14.02
C VAL A 206 10.70 -0.12 15.06
N GLN A 207 11.50 -0.55 16.02
CA GLN A 207 11.87 0.27 17.16
C GLN A 207 13.00 1.20 16.87
N MET A 208 13.76 0.97 15.82
CA MET A 208 14.87 1.85 15.46
C MET A 208 14.53 2.80 14.34
N ALA A 209 13.37 2.62 13.72
CA ALA A 209 12.98 3.49 12.62
C ALA A 209 12.81 4.90 13.20
N SER A 210 13.64 5.89 12.84
CA SER A 210 13.59 7.27 13.49
C SER A 210 14.44 7.44 14.78
N VAL A 211 15.22 6.42 15.14
CA VAL A 211 16.38 6.61 15.99
C VAL A 211 17.60 6.72 15.04
N ASP A 212 17.75 5.77 14.11
CA ASP A 212 18.92 5.73 13.22
C ASP A 212 18.63 6.27 11.80
N GLU A 213 19.56 6.02 10.87
CA GLU A 213 19.54 6.52 9.49
C GLU A 213 19.00 5.55 8.43
N ILE A 214 18.85 4.25 8.74
CA ILE A 214 18.42 3.25 7.72
C ILE A 214 17.21 2.42 8.09
N SER A 215 16.94 2.29 9.37
CA SER A 215 15.88 1.41 9.81
C SER A 215 14.53 1.78 9.17
N GLY A 216 14.23 3.08 9.13
CA GLY A 216 13.00 3.55 8.50
C GLY A 216 12.97 3.17 7.04
N HIS A 217 14.11 3.35 6.37
CA HIS A 217 14.29 3.00 4.97
C HIS A 217 14.10 1.51 4.71
N ILE A 218 14.58 0.70 5.62
CA ILE A 218 14.37 -0.76 5.58
C ILE A 218 12.87 -1.12 5.67
N VAL A 219 12.13 -0.46 6.55
CA VAL A 219 10.69 -0.73 6.63
C VAL A 219 10.02 -0.36 5.30
N ASP A 220 10.39 0.78 4.74
CA ASP A 220 9.86 1.18 3.43
C ASP A 220 10.14 0.11 2.40
N ASN A 221 11.34 -0.45 2.50
CA ASN A 221 11.75 -1.47 1.58
C ASN A 221 10.94 -2.74 1.70
N ILE A 222 10.60 -3.12 2.93
CA ILE A 222 9.77 -4.29 3.18
C ILE A 222 8.35 -4.05 2.72
N VAL A 223 7.86 -2.84 2.89
CA VAL A 223 6.57 -2.47 2.33
C VAL A 223 6.57 -2.57 0.81
N GLU A 224 7.61 -2.09 0.15
CA GLU A 224 7.66 -2.13 -1.34
C GLU A 224 7.79 -3.60 -1.79
N LEU A 225 8.56 -4.37 -1.04
CA LEU A 225 8.78 -5.79 -1.34
C LEU A 225 7.46 -6.55 -1.40
N ALA A 226 6.59 -6.28 -0.45
CA ALA A 226 5.37 -7.01 -0.30
C ALA A 226 4.35 -6.68 -1.37
N ARG A 227 4.43 -5.46 -1.87
CA ARG A 227 3.37 -4.91 -2.67
C ARG A 227 3.13 -5.69 -3.97
N LYS A 228 4.19 -6.07 -4.67
CA LYS A 228 4.01 -6.73 -5.97
C LYS A 228 3.31 -8.07 -5.84
N PRO A 229 3.87 -9.02 -5.06
CA PRO A 229 3.12 -10.26 -4.88
C PRO A 229 1.86 -10.14 -3.99
N GLY A 230 1.61 -8.97 -3.38
CA GLY A 230 0.37 -8.74 -2.61
C GLY A 230 0.35 -9.37 -1.22
N LEU A 231 1.50 -9.39 -0.56
CA LEU A 231 1.61 -9.90 0.81
C LEU A 231 1.18 -8.87 1.81
N SER A 232 0.81 -9.33 2.99
CA SER A 232 0.50 -8.42 4.08
C SER A 232 1.66 -8.36 5.07
N ILE A 233 1.82 -7.19 5.67
CA ILE A 233 2.90 -6.95 6.61
C ILE A 233 2.38 -6.75 8.03
N VAL A 234 3.06 -7.36 8.99
CA VAL A 234 2.83 -6.99 10.38
C VAL A 234 4.10 -6.44 11.03
N ALA A 235 3.95 -5.29 11.68
CA ALA A 235 5.04 -4.73 12.47
C ALA A 235 5.00 -5.34 13.86
N GLU A 236 6.10 -5.98 14.24
CA GLU A 236 6.25 -6.58 15.59
C GLU A 236 6.88 -5.59 16.55
N GLY A 237 6.70 -5.81 17.84
CA GLY A 237 7.38 -5.00 18.84
C GLY A 237 6.95 -3.54 18.85
N VAL A 238 5.74 -3.25 18.41
CA VAL A 238 5.23 -1.88 18.50
C VAL A 238 5.05 -1.50 19.98
N GLU A 239 5.89 -0.59 20.47
CA GLU A 239 5.96 -0.26 21.89
C GLU A 239 5.45 1.11 22.24
N THR A 240 5.52 2.05 21.31
CA THR A 240 5.11 3.41 21.59
C THR A 240 4.16 3.90 20.51
N GLN A 241 3.40 4.95 20.79
CA GLN A 241 2.47 5.48 19.80
C GLN A 241 3.19 6.04 18.59
N GLU A 242 4.37 6.63 18.78
CA GLU A 242 5.09 7.19 17.63
C GLU A 242 5.59 6.07 16.69
N GLN A 243 6.02 4.95 17.25
CA GLN A 243 6.36 3.78 16.45
C GLN A 243 5.17 3.31 15.65
N ALA A 244 3.99 3.29 16.26
CA ALA A 244 2.81 2.83 15.55
C ALA A 244 2.46 3.76 14.41
N ASP A 245 2.40 5.06 14.71
CA ASP A 245 2.02 6.06 13.72
C ASP A 245 2.96 5.94 12.53
N LEU A 246 4.23 5.78 12.83
CA LEU A 246 5.26 5.64 11.82
C LEU A 246 5.01 4.41 10.93
N MET A 247 4.71 3.26 11.57
CA MET A 247 4.42 2.05 10.83
C MET A 247 3.14 2.15 9.99
N ILE A 248 2.12 2.75 10.57
CA ILE A 248 0.86 2.97 9.88
C ILE A 248 1.09 3.84 8.65
N GLY A 249 1.77 4.96 8.85
CA GLY A 249 2.08 5.90 7.76
C GLY A 249 2.80 5.24 6.61
N LYS A 250 3.70 4.30 6.92
CA LYS A 250 4.51 3.61 5.89
C LYS A 250 3.78 2.48 5.15
N GLY A 251 2.51 2.21 5.50
CA GLY A 251 1.68 1.25 4.75
C GLY A 251 1.69 -0.16 5.30
N VAL A 252 2.06 -0.30 6.56
CA VAL A 252 2.02 -1.60 7.21
C VAL A 252 0.55 -1.97 7.48
N HIS A 253 0.19 -3.26 7.35
CA HIS A 253 -1.18 -3.70 7.40
C HIS A 253 -1.66 -4.09 8.80
N PHE A 254 -0.79 -4.70 9.59
CA PHE A 254 -1.15 -5.18 10.91
C PHE A 254 -0.10 -4.71 11.92
N LEU A 255 -0.51 -4.61 13.18
CA LEU A 255 0.36 -4.16 14.26
C LEU A 255 0.26 -5.08 15.44
N GLN A 256 1.38 -5.20 16.14
CA GLN A 256 1.49 -6.12 17.25
C GLN A 256 2.55 -5.57 18.20
N GLY A 257 2.28 -5.61 19.50
CA GLY A 257 3.25 -5.15 20.50
C GLY A 257 2.67 -4.68 21.82
N TYR A 258 3.60 -4.37 22.73
CA TYR A 258 3.29 -3.98 24.11
C TYR A 258 2.48 -2.73 24.25
N LEU A 259 2.48 -1.89 23.22
CA LEU A 259 1.62 -0.71 23.23
C LEU A 259 0.15 -1.10 23.37
N TYR A 260 -0.24 -2.21 22.76
CA TYR A 260 -1.62 -2.64 22.78
C TYR A 260 -1.78 -3.64 23.89
N SER A 261 -0.96 -4.67 23.84
CA SER A 261 -0.93 -5.65 24.87
C SER A 261 0.25 -6.55 24.73
N PRO A 262 0.87 -6.90 25.84
CA PRO A 262 1.78 -8.02 25.81
C PRO A 262 1.02 -9.31 25.61
N PRO A 263 1.76 -10.41 25.43
CA PRO A 263 1.09 -11.66 25.44
C PRO A 263 0.41 -11.87 26.80
N VAL A 264 -0.73 -12.56 26.83
CA VAL A 264 -1.45 -12.81 28.11
C VAL A 264 -1.95 -14.25 28.15
N PRO A 265 -2.16 -14.79 29.36
CA PRO A 265 -2.80 -16.10 29.42
C PRO A 265 -4.10 -16.16 28.63
N GLY A 266 -4.41 -17.35 28.15
CA GLY A 266 -5.58 -17.54 27.28
C GLY A 266 -6.87 -17.02 27.83
N ASN A 267 -7.17 -17.35 29.08
CA ASN A 267 -8.41 -16.89 29.70
C ASN A 267 -8.48 -15.38 29.67
N LYS A 268 -7.35 -14.73 29.94
CA LYS A 268 -7.31 -13.27 29.90
C LYS A 268 -7.37 -12.73 28.46
N PHE A 269 -6.83 -13.48 27.51
CA PHE A 269 -6.98 -13.08 26.13
C PHE A 269 -8.46 -13.07 25.77
N ILE A 270 -9.15 -14.14 26.12
CA ILE A 270 -10.56 -14.25 25.79
C ILE A 270 -11.36 -13.14 26.49
N SER A 271 -11.13 -12.99 27.78
CA SER A 271 -11.83 -11.99 28.56
C SER A 271 -11.56 -10.56 28.12
N GLU A 272 -10.33 -10.22 27.77
CA GLU A 272 -10.01 -8.85 27.37
C GLU A 272 -10.31 -8.54 25.91
N TRP A 273 -9.98 -9.46 25.01
CA TRP A 273 -10.02 -9.14 23.58
C TRP A 273 -11.14 -9.80 22.78
N VAL A 274 -11.70 -10.91 23.25
CA VAL A 274 -12.79 -11.57 22.54
C VAL A 274 -14.15 -11.26 23.14
N MET A 275 -14.33 -11.64 24.40
CA MET A 275 -15.63 -11.59 25.14
C MET A 275 -15.80 -10.20 25.75
N LYS A 276 -15.76 -9.15 24.91
CA LYS A 276 -15.62 -7.71 25.29
C LYS A 276 -14.34 -7.09 24.69
N ILE B 24 40.80 -37.26 -1.03
CA ILE B 24 40.63 -37.10 0.45
C ILE B 24 41.22 -35.74 0.97
N VAL B 25 40.37 -34.71 0.99
CA VAL B 25 40.74 -33.35 1.43
C VAL B 25 40.73 -33.26 2.96
N THR B 26 41.91 -33.10 3.56
CA THR B 26 42.06 -33.01 5.01
C THR B 26 42.73 -31.71 5.41
N PRO B 27 42.73 -31.38 6.71
CA PRO B 27 43.39 -30.14 7.10
C PRO B 27 44.88 -30.24 6.85
N GLU B 28 45.45 -31.43 7.01
CA GLU B 28 46.90 -31.59 6.77
C GLU B 28 47.25 -31.48 5.27
N ALA B 29 46.37 -31.97 4.40
CA ALA B 29 46.54 -31.76 2.97
C ALA B 29 46.43 -30.26 2.60
N ILE B 30 45.48 -29.55 3.21
CA ILE B 30 45.37 -28.11 2.99
C ILE B 30 46.63 -27.38 3.49
N SER B 31 47.14 -27.78 4.64
CA SER B 31 48.32 -27.14 5.21
C SER B 31 49.53 -27.32 4.30
N LEU B 32 49.74 -28.54 3.85
CA LEU B 32 50.82 -28.89 2.91
C LEU B 32 50.67 -28.11 1.61
N ALA B 33 49.43 -28.00 1.11
CA ALA B 33 49.15 -27.25 -0.10
C ALA B 33 49.41 -25.74 0.08
N LEU B 34 49.16 -25.22 1.27
CA LEU B 34 49.46 -23.82 1.55
C LEU B 34 50.97 -23.59 1.57
N GLU B 35 51.71 -24.44 2.27
CA GLU B 35 53.15 -24.36 2.24
C GLU B 35 53.72 -24.38 0.83
N ASN B 36 53.16 -25.24 -0.02
CA ASN B 36 53.62 -25.39 -1.40
C ASN B 36 52.98 -24.37 -2.36
N HIS B 37 52.32 -23.36 -1.81
CA HIS B 37 51.66 -22.30 -2.57
C HIS B 37 50.73 -22.77 -3.74
N GLU B 38 49.96 -23.82 -3.49
CA GLU B 38 49.08 -24.41 -4.50
C GLU B 38 47.74 -23.69 -4.62
N PHE B 39 47.45 -22.77 -3.70
CA PHE B 39 46.20 -22.00 -3.75
C PHE B 39 46.45 -20.70 -4.48
N LYS B 40 45.87 -20.59 -5.67
CA LYS B 40 46.14 -19.48 -6.54
C LYS B 40 44.96 -18.52 -6.66
N PRO B 41 45.29 -17.26 -6.90
CA PRO B 41 44.31 -16.21 -7.12
C PRO B 41 43.90 -16.17 -8.58
N TRP B 42 42.68 -16.59 -8.88
CA TRP B 42 42.06 -16.40 -10.17
C TRP B 42 41.31 -15.10 -10.02
N ILE B 43 41.15 -14.36 -11.10
CA ILE B 43 40.67 -13.02 -11.01
C ILE B 43 39.54 -12.88 -12.03
N GLN B 44 38.40 -12.32 -11.61
CA GLN B 44 37.31 -12.09 -12.53
C GLN B 44 37.08 -10.58 -12.71
N PRO B 45 37.01 -10.11 -13.95
CA PRO B 45 36.83 -8.68 -14.12
C PRO B 45 35.40 -8.25 -13.79
N VAL B 46 35.29 -6.98 -13.37
CA VAL B 46 34.06 -6.29 -13.12
C VAL B 46 34.00 -5.00 -13.92
N PHE B 47 32.81 -4.63 -14.37
CA PHE B 47 32.62 -3.53 -15.30
C PHE B 47 31.55 -2.52 -14.88
N CYS B 48 31.70 -1.32 -15.34
CA CYS B 48 30.70 -0.27 -15.22
C CYS B 48 29.49 -0.65 -16.08
N ALA B 49 28.32 -0.61 -15.47
CA ALA B 49 27.09 -1.02 -16.14
C ALA B 49 26.68 -0.03 -17.24
N GLN B 50 26.85 1.25 -16.95
CA GLN B 50 26.58 2.34 -17.89
C GLN B 50 27.40 2.23 -19.19
N THR B 51 28.72 1.98 -19.06
CA THR B 51 29.65 2.16 -20.20
C THR B 51 30.35 0.88 -20.69
N GLY B 52 30.30 -0.20 -19.92
CA GLY B 52 30.98 -1.44 -20.28
C GLY B 52 32.46 -1.48 -19.93
N VAL B 53 32.96 -0.41 -19.34
CA VAL B 53 34.39 -0.22 -19.05
C VAL B 53 34.83 -1.02 -17.82
N LEU B 54 36.05 -1.52 -17.84
CA LEU B 54 36.65 -2.21 -16.70
C LEU B 54 36.79 -1.26 -15.49
N THR B 55 36.22 -1.65 -14.36
CA THR B 55 36.26 -0.86 -13.12
C THR B 55 36.91 -1.59 -11.94
N GLY B 56 37.10 -2.90 -12.08
CA GLY B 56 37.71 -3.66 -11.01
C GLY B 56 37.75 -5.14 -11.27
N CYS B 57 37.94 -5.88 -10.21
CA CYS B 57 37.95 -7.33 -10.28
C CYS B 57 37.54 -7.93 -8.94
N GLU B 58 37.29 -9.24 -8.97
CA GLU B 58 37.17 -10.05 -7.77
C GLU B 58 38.23 -11.13 -7.81
N VAL B 59 38.85 -11.37 -6.67
CA VAL B 59 39.83 -12.43 -6.51
C VAL B 59 39.16 -13.68 -5.97
N LEU B 60 39.21 -14.76 -6.75
CA LEU B 60 38.69 -16.05 -6.37
C LEU B 60 39.82 -17.05 -6.28
N VAL B 61 39.65 -18.06 -5.43
CA VAL B 61 40.72 -18.98 -5.15
C VAL B 61 40.52 -20.25 -5.96
N ARG B 62 41.63 -20.80 -6.47
CA ARG B 62 41.64 -22.09 -7.13
C ARG B 62 42.81 -22.90 -6.58
N TRP B 63 42.52 -24.13 -6.19
CA TRP B 63 43.53 -25.06 -5.73
C TRP B 63 43.96 -25.88 -6.93
N GLU B 64 45.18 -25.63 -7.37
CA GLU B 64 45.80 -26.39 -8.44
C GLU B 64 46.66 -27.46 -7.79
N HIS B 65 46.15 -28.67 -7.69
CA HIS B 65 46.93 -29.79 -7.14
C HIS B 65 47.89 -30.31 -8.23
N PRO B 66 49.20 -30.37 -7.94
CA PRO B 66 50.19 -30.71 -8.98
C PRO B 66 49.87 -31.99 -9.74
N GLN B 67 49.31 -33.00 -9.06
CA GLN B 67 48.97 -34.24 -9.74
C GLN B 67 47.50 -34.33 -10.14
N THR B 68 46.61 -34.07 -9.20
CA THR B 68 45.17 -34.32 -9.35
C THR B 68 44.43 -33.21 -10.13
N GLY B 69 45.04 -32.04 -10.30
CA GLY B 69 44.41 -30.94 -11.04
C GLY B 69 43.61 -30.00 -10.17
N ILE B 70 42.54 -29.43 -10.70
CA ILE B 70 41.76 -28.43 -9.95
C ILE B 70 40.90 -29.11 -8.89
N ILE B 71 40.96 -28.59 -7.66
CA ILE B 71 40.03 -28.99 -6.61
C ILE B 71 39.20 -27.75 -6.36
N PRO B 72 37.88 -27.83 -6.59
CA PRO B 72 37.10 -26.61 -6.57
C PRO B 72 36.74 -26.19 -5.14
N PRO B 73 36.50 -24.89 -4.93
CA PRO B 73 36.18 -24.29 -3.63
C PRO B 73 35.19 -25.08 -2.77
N ASP B 74 34.17 -25.66 -3.39
CA ASP B 74 33.16 -26.43 -2.65
C ASP B 74 33.77 -27.52 -1.81
N GLN B 75 34.87 -28.10 -2.30
CA GLN B 75 35.47 -29.26 -1.66
C GLN B 75 36.46 -28.92 -0.55
N PHE B 76 36.94 -27.66 -0.47
CA PHE B 76 37.95 -27.29 0.52
C PHE B 76 37.66 -26.07 1.39
N ILE B 77 36.86 -25.13 0.90
CA ILE B 77 36.58 -23.91 1.67
C ILE B 77 35.95 -24.18 3.05
N PRO B 78 34.91 -25.00 3.10
CA PRO B 78 34.27 -25.29 4.41
C PRO B 78 35.24 -25.80 5.46
N LEU B 79 36.09 -26.74 5.05
CA LEU B 79 37.10 -27.28 5.94
C LEU B 79 38.20 -26.24 6.27
N ALA B 80 38.55 -25.41 5.28
CA ALA B 80 39.47 -24.31 5.52
C ALA B 80 38.92 -23.38 6.61
N GLU B 81 37.60 -23.15 6.54
CA GLU B 81 36.92 -22.30 7.50
C GLU B 81 36.85 -22.91 8.89
N SER B 82 36.37 -24.15 8.99
CA SER B 82 36.25 -24.80 10.32
C SER B 82 37.62 -25.06 10.96
N SER B 83 38.62 -25.41 10.15
CA SER B 83 39.98 -25.65 10.66
C SER B 83 40.70 -24.36 11.04
N GLY B 84 40.26 -23.24 10.50
CA GLY B 84 40.94 -21.96 10.69
C GLY B 84 42.00 -21.62 9.63
N LEU B 85 42.39 -22.60 8.82
CA LEU B 85 43.38 -22.39 7.78
C LEU B 85 43.00 -21.29 6.77
N ILE B 86 41.72 -20.97 6.68
CA ILE B 86 41.25 -19.93 5.76
C ILE B 86 42.01 -18.62 5.97
N VAL B 87 42.39 -18.33 7.19
CA VAL B 87 43.08 -17.08 7.44
C VAL B 87 44.40 -17.03 6.71
N ILE B 88 45.10 -18.16 6.68
CA ILE B 88 46.42 -18.21 6.06
C ILE B 88 46.21 -18.07 4.55
N MET B 89 45.22 -18.81 4.07
CA MET B 89 44.92 -18.86 2.67
C MET B 89 44.57 -17.48 2.12
N THR B 90 43.70 -16.77 2.84
CA THR B 90 43.29 -15.45 2.42
C THR B 90 44.50 -14.51 2.43
N ARG B 91 45.34 -14.62 3.45
CA ARG B 91 46.50 -13.77 3.53
C ARG B 91 47.38 -14.00 2.30
N GLN B 92 47.59 -15.25 1.93
CA GLN B 92 48.45 -15.58 0.79
C GLN B 92 47.85 -15.06 -0.49
N LEU B 93 46.52 -15.18 -0.63
CA LEU B 93 45.86 -14.72 -1.84
C LEU B 93 46.03 -13.22 -1.96
N MET B 94 45.90 -12.52 -0.85
CA MET B 94 46.04 -11.07 -0.89
C MET B 94 47.46 -10.68 -1.31
N LYS B 95 48.43 -11.36 -0.74
CA LYS B 95 49.81 -11.12 -1.04
C LYS B 95 50.11 -11.41 -2.50
N GLN B 96 49.62 -12.55 -3.00
CA GLN B 96 49.82 -12.93 -4.39
C GLN B 96 49.11 -12.01 -5.38
N THR B 97 48.01 -11.41 -4.97
CA THR B 97 47.29 -10.47 -5.82
C THR B 97 48.11 -9.18 -6.00
N ALA B 98 48.71 -8.70 -4.92
CA ALA B 98 49.60 -7.55 -4.96
C ALA B 98 50.77 -7.83 -5.89
N ASP B 99 51.40 -9.00 -5.76
CA ASP B 99 52.53 -9.38 -6.65
C ASP B 99 52.13 -9.40 -8.15
N ILE B 100 50.97 -9.98 -8.44
CA ILE B 100 50.47 -10.07 -9.80
C ILE B 100 50.21 -8.71 -10.39
N LEU B 101 49.58 -7.80 -9.64
CA LEU B 101 49.13 -6.54 -10.21
C LEU B 101 50.18 -5.46 -10.14
N MET B 102 51.20 -5.62 -9.30
CA MET B 102 52.15 -4.52 -9.08
C MET B 102 52.88 -4.05 -10.34
N PRO B 103 53.38 -5.00 -11.16
CA PRO B 103 54.05 -4.64 -12.41
C PRO B 103 53.17 -3.84 -13.35
N VAL B 104 51.84 -3.97 -13.23
CA VAL B 104 50.93 -3.32 -14.17
C VAL B 104 50.06 -2.26 -13.53
N LYS B 105 50.35 -1.90 -12.29
CA LYS B 105 49.45 -0.99 -11.54
C LYS B 105 49.28 0.37 -12.20
N HIS B 106 50.32 0.82 -12.90
CA HIS B 106 50.22 2.09 -13.64
C HIS B 106 49.24 2.00 -14.83
N LEU B 107 48.94 0.78 -15.28
CA LEU B 107 48.00 0.57 -16.38
C LEU B 107 46.56 0.40 -15.90
N LEU B 108 46.34 0.31 -14.60
CA LEU B 108 45.00 0.17 -14.11
C LEU B 108 44.25 1.47 -14.16
N PRO B 109 42.93 1.40 -14.43
CA PRO B 109 42.12 2.61 -14.31
C PRO B 109 42.14 3.17 -12.91
N ASP B 110 41.80 4.44 -12.79
CA ASP B 110 41.68 5.10 -11.50
C ASP B 110 40.55 4.42 -10.75
N ASN B 111 40.69 4.35 -9.43
CA ASN B 111 39.69 3.83 -8.57
C ASN B 111 39.35 2.37 -8.93
N PHE B 112 40.39 1.59 -9.18
CA PHE B 112 40.29 0.22 -9.60
C PHE B 112 39.96 -0.64 -8.39
N HIS B 113 38.84 -1.35 -8.46
CA HIS B 113 38.31 -2.07 -7.30
C HIS B 113 38.88 -3.47 -7.23
N ILE B 114 39.30 -3.87 -6.04
CA ILE B 114 39.79 -5.21 -5.82
C ILE B 114 38.95 -5.84 -4.75
N GLY B 115 38.18 -6.84 -5.18
CA GLY B 115 37.29 -7.55 -4.34
C GLY B 115 37.94 -8.78 -3.77
N ILE B 116 37.97 -8.85 -2.45
CA ILE B 116 38.49 -9.99 -1.69
C ILE B 116 37.35 -10.58 -0.81
N ASN B 117 37.10 -11.86 -0.94
CA ASN B 117 36.11 -12.53 -0.17
C ASN B 117 36.66 -12.80 1.23
N VAL B 118 35.91 -12.29 2.24
CA VAL B 118 36.32 -12.30 3.62
C VAL B 118 35.23 -12.94 4.53
N SER B 119 35.63 -13.97 5.27
CA SER B 119 34.75 -14.60 6.24
C SER B 119 35.00 -13.99 7.59
N ALA B 120 34.15 -14.34 8.56
CA ALA B 120 34.27 -13.87 9.91
C ALA B 120 35.64 -14.18 10.52
N GLY B 121 36.09 -15.42 10.33
CA GLY B 121 37.38 -15.86 10.84
C GLY B 121 38.54 -14.96 10.39
N CYS B 122 38.57 -14.58 9.12
CA CYS B 122 39.61 -13.68 8.64
C CYS B 122 39.48 -12.28 9.18
N PHE B 123 38.25 -11.81 9.17
CA PHE B 123 37.93 -10.46 9.62
C PHE B 123 38.33 -10.22 11.07
N LEU B 124 38.17 -11.25 11.88
CA LEU B 124 38.43 -11.15 13.31
C LEU B 124 39.86 -11.46 13.70
N ALA B 125 40.64 -11.97 12.77
CA ALA B 125 42.01 -12.44 13.10
C ALA B 125 42.97 -11.27 13.35
N ALA B 126 43.81 -11.42 14.36
CA ALA B 126 44.83 -10.45 14.67
C ALA B 126 45.66 -10.26 13.42
N GLY B 127 45.91 -9.01 13.05
CA GLY B 127 46.78 -8.72 11.90
C GLY B 127 46.07 -8.61 10.56
N PHE B 128 44.75 -8.78 10.55
CA PHE B 128 43.99 -8.66 9.30
C PHE B 128 44.10 -7.24 8.71
N GLU B 129 43.83 -6.24 9.54
CA GLU B 129 43.92 -4.88 9.10
C GLU B 129 45.28 -4.59 8.46
N LYS B 130 46.35 -5.09 9.06
CA LYS B 130 47.68 -4.86 8.51
C LYS B 130 47.86 -5.44 7.10
N GLU B 131 47.33 -6.64 6.89
CA GLU B 131 47.42 -7.28 5.58
C GLU B 131 46.68 -6.47 4.53
N CYS B 132 45.59 -5.83 4.93
CA CYS B 132 44.80 -5.03 3.98
C CYS B 132 45.61 -3.76 3.59
N LEU B 133 46.24 -3.13 4.57
CA LEU B 133 47.07 -1.96 4.31
C LEU B 133 48.26 -2.30 3.42
N ASN B 134 48.90 -3.42 3.66
CA ASN B 134 50.05 -3.83 2.83
C ASN B 134 49.67 -3.96 1.37
N LEU B 135 48.49 -4.52 1.12
CA LEU B 135 47.99 -4.66 -0.24
C LEU B 135 47.76 -3.27 -0.87
N VAL B 136 47.14 -2.37 -0.11
CA VAL B 136 46.79 -1.07 -0.61
C VAL B 136 48.06 -0.20 -0.81
N ASN B 137 48.99 -0.27 0.13
CA ASN B 137 50.22 0.53 0.02
C ASN B 137 51.08 0.09 -1.16
N LYS B 138 51.21 -1.22 -1.37
CA LYS B 138 51.96 -1.73 -2.51
C LYS B 138 51.39 -1.27 -3.86
N LEU B 139 50.08 -1.13 -3.93
CA LEU B 139 49.45 -0.89 -5.22
C LEU B 139 49.11 0.58 -5.44
N GLY B 140 49.15 1.39 -4.40
CA GLY B 140 48.79 2.80 -4.52
C GLY B 140 47.54 3.14 -3.74
N ASN B 141 47.74 3.72 -2.56
CA ASN B 141 46.68 4.23 -1.68
C ASN B 141 45.48 4.85 -2.34
N ASP B 142 45.70 5.54 -3.45
CA ASP B 142 44.66 6.32 -4.10
C ASP B 142 44.33 5.84 -5.51
N LYS B 143 45.19 5.03 -6.13
CA LYS B 143 44.88 4.38 -7.40
C LYS B 143 43.80 3.27 -7.20
N ILE B 144 43.92 2.48 -6.15
CA ILE B 144 43.02 1.35 -5.98
C ILE B 144 42.08 1.46 -4.77
N LYS B 145 41.00 0.70 -4.86
CA LYS B 145 40.04 0.62 -3.80
C LYS B 145 39.82 -0.85 -3.44
N LEU B 146 40.16 -1.18 -2.20
CA LEU B 146 40.05 -2.53 -1.70
C LEU B 146 38.63 -2.66 -1.20
N VAL B 147 37.96 -3.69 -1.70
CA VAL B 147 36.59 -4.02 -1.29
C VAL B 147 36.56 -5.38 -0.63
N LEU B 148 36.30 -5.38 0.69
CA LEU B 148 36.17 -6.62 1.41
C LEU B 148 34.74 -7.14 1.26
N GLU B 149 34.62 -8.26 0.56
CA GLU B 149 33.33 -8.83 0.23
C GLU B 149 32.96 -9.82 1.35
N LEU B 150 32.11 -9.36 2.29
CA LEU B 150 31.72 -10.15 3.46
C LEU B 150 30.80 -11.28 3.05
N THR B 151 31.17 -12.50 3.40
CA THR B 151 30.41 -13.69 2.98
C THR B 151 29.08 -13.84 3.70
N GLU B 152 28.16 -14.51 3.04
CA GLU B 152 26.84 -14.77 3.57
C GLU B 152 26.77 -16.02 4.49
N ARG B 153 27.78 -16.89 4.45
CA ARG B 153 27.74 -18.19 5.12
C ARG B 153 28.27 -18.13 6.53
N ASN B 154 29.35 -17.40 6.71
CA ASN B 154 30.02 -17.27 8.00
C ASN B 154 30.03 -15.79 8.27
N PRO B 155 28.86 -15.21 8.52
CA PRO B 155 28.79 -13.78 8.69
C PRO B 155 29.67 -13.26 9.83
N ILE B 156 30.08 -12.01 9.72
CA ILE B 156 30.73 -11.34 10.84
C ILE B 156 29.71 -11.19 11.98
N PRO B 157 30.13 -11.48 13.21
CA PRO B 157 29.14 -11.31 14.26
C PRO B 157 28.76 -9.86 14.45
N VAL B 158 27.58 -9.63 14.99
CA VAL B 158 27.11 -8.29 15.26
C VAL B 158 27.49 -7.90 16.67
N THR B 159 28.72 -7.49 16.85
CA THR B 159 29.20 -7.11 18.18
C THR B 159 29.95 -5.80 18.14
N PRO B 160 30.11 -5.15 19.30
CA PRO B 160 30.96 -3.96 19.36
C PRO B 160 32.36 -4.16 18.77
N GLU B 161 32.98 -5.30 19.06
CA GLU B 161 34.37 -5.53 18.67
C GLU B 161 34.49 -5.62 17.14
N ALA B 162 33.52 -6.27 16.54
CA ALA B 162 33.42 -6.41 15.11
C ALA B 162 33.23 -5.07 14.43
N ARG B 163 32.43 -4.23 15.07
CA ARG B 163 32.15 -2.89 14.57
C ARG B 163 33.37 -1.99 14.68
N ALA B 164 34.15 -2.18 15.74
CA ALA B 164 35.39 -1.43 15.92
C ALA B 164 36.39 -1.74 14.78
N ILE B 165 36.51 -3.01 14.43
CA ILE B 165 37.41 -3.42 13.36
C ILE B 165 36.93 -2.85 12.03
N PHE B 166 35.61 -2.92 11.85
CA PHE B 166 34.94 -2.39 10.66
C PHE B 166 35.21 -0.90 10.51
N ASP B 167 35.06 -0.16 11.61
CA ASP B 167 35.25 1.29 11.59
C ASP B 167 36.71 1.65 11.35
N SER B 168 37.62 0.91 12.00
CA SER B 168 39.07 1.12 11.82
C SER B 168 39.48 0.99 10.33
N LEU B 169 39.07 -0.11 9.69
CA LEU B 169 39.31 -0.31 8.27
C LEU B 169 38.73 0.82 7.40
N HIS B 170 37.50 1.24 7.69
CA HIS B 170 36.90 2.40 7.00
C HIS B 170 37.72 3.67 7.09
N GLN B 171 38.28 3.94 8.28
CA GLN B 171 39.11 5.11 8.49
C GLN B 171 40.36 5.06 7.61
N HIS B 172 40.78 3.84 7.24
CA HIS B 172 41.89 3.61 6.31
C HIS B 172 41.47 3.50 4.83
N ASN B 173 40.26 3.93 4.50
CA ASN B 173 39.78 3.99 3.11
C ASN B 173 39.57 2.64 2.41
N ILE B 174 39.46 1.59 3.23
CA ILE B 174 39.07 0.28 2.78
C ILE B 174 37.57 0.18 2.88
N THR B 175 36.97 -0.50 1.90
CA THR B 175 35.52 -0.51 1.78
C THR B 175 34.96 -1.91 1.90
N PHE B 176 33.65 -2.00 2.03
CA PHE B 176 33.02 -3.27 2.32
C PHE B 176 31.88 -3.52 1.34
N ALA B 177 31.64 -4.79 1.02
CA ALA B 177 30.48 -5.21 0.28
C ALA B 177 29.73 -6.27 1.14
N LEU B 178 28.42 -6.29 1.03
CA LEU B 178 27.71 -7.47 1.43
C LEU B 178 27.62 -8.34 0.21
N ASP B 179 28.26 -9.49 0.29
CA ASP B 179 28.28 -10.43 -0.83
C ASP B 179 27.07 -11.35 -0.84
N ASP B 180 26.68 -11.78 -2.05
CA ASP B 180 25.58 -12.69 -2.26
C ASP B 180 24.36 -12.23 -1.45
N PHE B 181 24.09 -10.95 -1.53
CA PHE B 181 23.02 -10.37 -0.78
C PHE B 181 21.69 -11.02 -1.12
N GLY B 182 20.89 -11.26 -0.08
CA GLY B 182 19.59 -11.93 -0.26
C GLY B 182 19.62 -13.42 -0.03
N THR B 183 20.79 -13.96 0.33
CA THR B 183 20.95 -15.40 0.61
C THR B 183 21.73 -15.55 1.90
N GLY B 184 21.68 -16.76 2.46
CA GLY B 184 22.40 -17.05 3.70
C GLY B 184 21.97 -16.14 4.84
N TYR B 185 22.93 -15.50 5.47
CA TYR B 185 22.70 -14.53 6.54
C TYR B 185 22.71 -13.09 6.04
N ALA B 186 22.74 -12.90 4.72
CA ALA B 186 22.85 -11.55 4.12
C ALA B 186 21.50 -10.87 4.13
N THR B 187 21.18 -10.32 5.29
CA THR B 187 19.89 -9.75 5.59
C THR B 187 19.97 -8.22 5.80
N TYR B 188 18.79 -7.60 5.93
CA TYR B 188 18.68 -6.19 6.23
C TYR B 188 19.49 -5.87 7.46
N ARG B 189 19.55 -6.81 8.38
CA ARG B 189 20.26 -6.59 9.64
C ARG B 189 21.72 -6.23 9.43
N TYR B 190 22.37 -6.88 8.49
CA TYR B 190 23.78 -6.58 8.24
C TYR B 190 23.98 -5.16 7.73
N LEU B 191 23.03 -4.66 6.96
CA LEU B 191 23.09 -3.30 6.49
C LEU B 191 22.87 -2.34 7.65
N GLN B 192 22.02 -2.72 8.58
CA GLN B 192 21.75 -1.91 9.75
C GLN B 192 22.95 -1.89 10.69
N ALA B 193 23.63 -3.02 10.84
CA ALA B 193 24.70 -3.11 11.81
C ALA B 193 25.99 -2.48 11.28
N PHE B 194 26.20 -2.63 9.97
CA PHE B 194 27.45 -2.19 9.32
C PHE B 194 27.18 -1.31 8.08
N PRO B 195 27.53 -0.05 8.15
CA PRO B 195 27.29 0.83 7.00
C PRO B 195 28.30 0.51 5.84
N VAL B 196 27.97 -0.49 5.02
CA VAL B 196 28.83 -0.97 3.99
C VAL B 196 28.77 -0.02 2.77
N ASP B 197 29.61 -0.26 1.78
CA ASP B 197 29.75 0.62 0.60
C ASP B 197 29.15 0.01 -0.68
N PHE B 198 29.06 -1.32 -0.72
CA PHE B 198 28.54 -2.00 -1.85
C PHE B 198 27.60 -3.12 -1.42
N ILE B 199 26.67 -3.44 -2.31
CA ILE B 199 25.86 -4.65 -2.18
C ILE B 199 26.00 -5.39 -3.47
N LYS B 200 26.41 -6.66 -3.38
CA LYS B 200 26.49 -7.54 -4.58
C LYS B 200 25.24 -8.41 -4.58
N ILE B 201 24.47 -8.33 -5.64
CA ILE B 201 23.28 -9.13 -5.76
C ILE B 201 23.61 -10.56 -6.12
N ASP B 202 23.11 -11.52 -5.32
CA ASP B 202 23.35 -12.94 -5.63
C ASP B 202 22.87 -13.28 -7.03
N LYS B 203 23.61 -14.15 -7.70
CA LYS B 203 23.26 -14.53 -9.05
C LYS B 203 21.88 -15.18 -9.23
N SER B 204 21.37 -15.81 -8.18
CA SER B 204 20.06 -16.41 -8.23
C SER B 204 18.97 -15.41 -8.56
N PHE B 205 19.17 -14.14 -8.19
CA PHE B 205 18.18 -13.11 -8.51
C PHE B 205 18.43 -12.53 -9.87
N VAL B 206 19.71 -12.34 -10.21
CA VAL B 206 20.09 -11.77 -11.49
C VAL B 206 19.57 -12.67 -12.59
N GLN B 207 19.81 -13.95 -12.46
CA GLN B 207 19.49 -14.89 -13.53
C GLN B 207 18.03 -15.30 -13.58
N MET B 208 17.28 -15.08 -12.50
CA MET B 208 15.86 -15.41 -12.50
C MET B 208 14.98 -14.19 -12.74
N ALA B 209 15.55 -12.99 -12.76
CA ALA B 209 14.75 -11.78 -12.91
C ALA B 209 13.92 -11.70 -14.19
N SER B 210 14.34 -12.37 -15.26
CA SER B 210 13.52 -12.41 -16.50
C SER B 210 12.59 -13.65 -16.60
N VAL B 211 12.56 -14.50 -15.57
CA VAL B 211 11.90 -15.80 -15.65
C VAL B 211 10.70 -15.89 -14.70
N ASP B 212 10.93 -15.58 -13.41
CA ASP B 212 9.88 -15.70 -12.40
C ASP B 212 9.20 -14.34 -12.14
N GLU B 213 8.35 -14.34 -11.11
CA GLU B 213 7.49 -13.21 -10.79
C GLU B 213 8.06 -12.24 -9.72
N ILE B 214 9.09 -12.63 -8.95
CA ILE B 214 9.58 -11.81 -7.84
C ILE B 214 11.02 -11.47 -7.93
N SER B 215 11.81 -12.26 -8.64
CA SER B 215 13.24 -12.03 -8.70
C SER B 215 13.56 -10.63 -9.23
N GLY B 216 12.86 -10.21 -10.27
CA GLY B 216 13.02 -8.84 -10.78
C GLY B 216 12.67 -7.80 -9.74
N HIS B 217 11.58 -8.02 -9.04
CA HIS B 217 11.10 -7.14 -7.97
C HIS B 217 12.11 -7.06 -6.83
N ILE B 218 12.76 -8.18 -6.53
CA ILE B 218 13.83 -8.25 -5.53
C ILE B 218 15.03 -7.40 -5.93
N VAL B 219 15.43 -7.45 -7.19
CA VAL B 219 16.49 -6.57 -7.70
C VAL B 219 16.12 -5.09 -7.57
N ASP B 220 14.89 -4.74 -7.95
CA ASP B 220 14.41 -3.36 -7.73
C ASP B 220 14.53 -2.99 -6.28
N ASN B 221 14.20 -3.93 -5.40
CA ASN B 221 14.17 -3.68 -3.95
C ASN B 221 15.58 -3.39 -3.47
N ILE B 222 16.54 -4.14 -3.99
CA ILE B 222 17.93 -3.92 -3.64
C ILE B 222 18.44 -2.57 -4.17
N VAL B 223 18.03 -2.23 -5.39
CA VAL B 223 18.35 -0.91 -5.94
C VAL B 223 17.78 0.19 -5.04
N GLU B 224 16.53 0.04 -4.58
CA GLU B 224 15.92 1.07 -3.74
C GLU B 224 16.62 1.13 -2.39
N LEU B 225 16.99 -0.04 -1.89
CA LEU B 225 17.67 -0.18 -0.60
C LEU B 225 18.96 0.61 -0.58
N ALA B 226 19.70 0.52 -1.68
CA ALA B 226 21.01 1.15 -1.80
C ALA B 226 20.95 2.66 -1.94
N ARG B 227 19.85 3.15 -2.48
CA ARG B 227 19.79 4.54 -2.92
C ARG B 227 19.90 5.55 -1.79
N LYS B 228 19.20 5.33 -0.69
CA LYS B 228 19.24 6.31 0.40
C LYS B 228 20.65 6.48 0.95
N PRO B 229 21.28 5.40 1.45
CA PRO B 229 22.63 5.60 1.95
C PRO B 229 23.69 5.82 0.84
N GLY B 230 23.31 5.68 -0.43
CA GLY B 230 24.24 5.94 -1.55
C GLY B 230 25.24 4.82 -1.86
N LEU B 231 24.83 3.56 -1.67
CA LEU B 231 25.69 2.41 -1.92
C LEU B 231 25.70 2.11 -3.40
N SER B 232 26.74 1.42 -3.83
CA SER B 232 26.82 0.92 -5.19
C SER B 232 26.47 -0.58 -5.25
N ILE B 233 25.84 -0.98 -6.33
CA ILE B 233 25.38 -2.33 -6.52
C ILE B 233 26.13 -3.00 -7.62
N VAL B 234 26.52 -4.25 -7.36
CA VAL B 234 27.01 -5.05 -8.46
C VAL B 234 26.13 -6.25 -8.67
N ALA B 235 25.75 -6.49 -9.93
CA ALA B 235 25.04 -7.72 -10.30
C ALA B 235 26.07 -8.83 -10.59
N GLU B 236 26.00 -9.94 -9.83
CA GLU B 236 26.84 -11.11 -10.03
C GLU B 236 26.19 -12.09 -11.00
N GLY B 237 27.00 -12.95 -11.61
CA GLY B 237 26.43 -13.99 -12.45
C GLY B 237 25.71 -13.51 -13.69
N VAL B 238 26.08 -12.35 -14.19
CA VAL B 238 25.55 -11.86 -15.49
C VAL B 238 26.04 -12.81 -16.64
N GLU B 239 25.12 -13.57 -17.21
CA GLU B 239 25.44 -14.63 -18.16
C GLU B 239 25.00 -14.34 -19.60
N THR B 240 23.95 -13.55 -19.77
CA THR B 240 23.42 -13.25 -21.08
C THR B 240 23.25 -11.74 -21.24
N GLN B 241 23.15 -11.29 -22.46
CA GLN B 241 22.97 -9.88 -22.72
C GLN B 241 21.65 -9.37 -22.18
N GLU B 242 20.60 -10.20 -22.22
CA GLU B 242 19.30 -9.73 -21.74
C GLU B 242 19.36 -9.51 -20.24
N GLN B 243 20.08 -10.38 -19.54
CA GLN B 243 20.27 -10.22 -18.09
C GLN B 243 21.00 -8.91 -17.81
N ALA B 244 22.01 -8.59 -18.62
CA ALA B 244 22.74 -7.37 -18.41
C ALA B 244 21.83 -6.16 -18.64
N ASP B 245 21.12 -6.16 -19.77
CA ASP B 245 20.28 -5.02 -20.15
C ASP B 245 19.24 -4.76 -19.07
N LEU B 246 18.69 -5.85 -18.55
CA LEU B 246 17.73 -5.78 -17.47
C LEU B 246 18.36 -5.11 -16.23
N MET B 247 19.58 -5.55 -15.86
CA MET B 247 20.26 -5.04 -14.68
C MET B 247 20.59 -3.57 -14.86
N ILE B 248 21.05 -3.22 -16.06
CA ILE B 248 21.41 -1.84 -16.41
C ILE B 248 20.17 -0.96 -16.29
N GLY B 249 19.07 -1.39 -16.89
CA GLY B 249 17.82 -0.67 -16.85
C GLY B 249 17.30 -0.44 -15.43
N LYS B 250 17.51 -1.40 -14.54
CA LYS B 250 17.05 -1.27 -13.15
C LYS B 250 17.93 -0.38 -12.28
N GLY B 251 19.02 0.19 -12.82
CA GLY B 251 19.90 1.11 -12.07
C GLY B 251 21.09 0.49 -11.33
N VAL B 252 21.46 -0.72 -11.71
CA VAL B 252 22.65 -1.36 -11.14
C VAL B 252 23.90 -0.65 -11.64
N HIS B 253 24.93 -0.52 -10.79
CA HIS B 253 26.13 0.26 -11.10
C HIS B 253 27.24 -0.54 -11.76
N PHE B 254 27.43 -1.79 -11.33
CA PHE B 254 28.53 -2.60 -11.82
C PHE B 254 27.98 -3.96 -12.23
N LEU B 255 28.69 -4.60 -13.17
CA LEU B 255 28.30 -5.92 -13.67
C LEU B 255 29.47 -6.90 -13.65
N GLN B 256 29.15 -8.16 -13.44
CA GLN B 256 30.15 -9.19 -13.31
C GLN B 256 29.54 -10.50 -13.73
N GLY B 257 30.28 -11.33 -14.46
CA GLY B 257 29.76 -12.60 -14.91
C GLY B 257 30.33 -13.17 -16.19
N TYR B 258 29.92 -14.40 -16.50
CA TYR B 258 30.45 -15.20 -17.61
C TYR B 258 30.17 -14.61 -18.99
N LEU B 259 29.20 -13.71 -19.09
CA LEU B 259 28.99 -12.96 -20.33
C LEU B 259 30.24 -12.17 -20.75
N TYR B 260 30.96 -11.64 -19.78
CA TYR B 260 32.13 -10.86 -20.06
C TYR B 260 33.32 -11.80 -19.93
N SER B 261 33.45 -12.43 -18.78
CA SER B 261 34.52 -13.39 -18.56
C SER B 261 34.33 -14.15 -17.28
N PRO B 262 34.62 -15.44 -17.32
CA PRO B 262 34.76 -16.15 -16.06
C PRO B 262 36.02 -15.71 -15.33
N PRO B 263 36.19 -16.19 -14.10
CA PRO B 263 37.47 -15.96 -13.46
C PRO B 263 38.58 -16.61 -14.24
N VAL B 264 39.77 -16.01 -14.24
CA VAL B 264 40.89 -16.54 -14.99
C VAL B 264 42.19 -16.42 -14.19
N PRO B 265 43.19 -17.23 -14.53
CA PRO B 265 44.48 -17.05 -13.85
C PRO B 265 45.01 -15.62 -13.99
N GLY B 266 45.82 -15.19 -13.03
CA GLY B 266 46.34 -13.82 -13.00
C GLY B 266 47.02 -13.35 -14.26
N ASN B 267 47.96 -14.13 -14.75
CA ASN B 267 48.66 -13.76 -15.97
C ASN B 267 47.66 -13.54 -17.11
N LYS B 268 46.63 -14.38 -17.21
CA LYS B 268 45.60 -14.21 -18.22
C LYS B 268 44.69 -13.01 -17.95
N PHE B 269 44.45 -12.70 -16.68
CA PHE B 269 43.69 -11.50 -16.34
C PHE B 269 44.46 -10.27 -16.80
N ILE B 270 45.75 -10.24 -16.52
CA ILE B 270 46.57 -9.11 -16.95
C ILE B 270 46.59 -9.00 -18.46
N SER B 271 46.89 -10.12 -19.11
CA SER B 271 47.01 -10.16 -20.55
C SER B 271 45.71 -9.82 -21.28
N GLU B 272 44.57 -10.29 -20.78
CA GLU B 272 43.30 -10.01 -21.44
C GLU B 272 42.70 -8.66 -21.09
N TRP B 273 42.72 -8.28 -19.82
CA TRP B 273 41.92 -7.13 -19.37
C TRP B 273 42.73 -5.88 -18.99
N VAL B 274 44.00 -6.04 -18.67
CA VAL B 274 44.83 -4.89 -18.31
C VAL B 274 45.68 -4.43 -19.48
N MET B 275 46.49 -5.34 -19.99
CA MET B 275 47.19 -5.15 -21.26
C MET B 275 46.15 -5.48 -22.31
N LYS B 276 46.12 -4.78 -23.42
CA LYS B 276 44.90 -4.75 -24.26
C LYS B 276 43.66 -4.36 -23.44
N ILE C 24 6.84 14.39 14.55
CA ILE C 24 5.47 14.90 14.27
C ILE C 24 5.52 15.83 13.05
N VAL C 25 4.63 15.61 12.09
CA VAL C 25 4.56 16.41 10.87
C VAL C 25 3.86 17.75 11.16
N THR C 26 4.63 18.84 11.11
CA THR C 26 4.13 20.17 11.38
C THR C 26 4.35 21.08 10.16
N PRO C 27 3.73 22.27 10.15
CA PRO C 27 3.99 23.19 9.05
C PRO C 27 5.43 23.63 9.01
N GLU C 28 6.07 23.79 10.17
CA GLU C 28 7.47 24.18 10.21
C GLU C 28 8.42 23.06 9.72
N ALA C 29 8.08 21.82 10.01
CA ALA C 29 8.81 20.71 9.43
C ALA C 29 8.63 20.63 7.90
N ILE C 30 7.43 20.86 7.41
CA ILE C 30 7.21 20.90 5.97
C ILE C 30 8.00 22.05 5.32
N SER C 31 8.04 23.20 5.97
CA SER C 31 8.74 24.37 5.42
C SER C 31 10.24 24.07 5.32
N LEU C 32 10.80 23.55 6.39
CA LEU C 32 12.22 23.17 6.45
C LEU C 32 12.52 22.12 5.38
N ALA C 33 11.62 21.16 5.21
CA ALA C 33 11.78 20.12 4.21
C ALA C 33 11.69 20.68 2.78
N LEU C 34 10.87 21.70 2.57
CA LEU C 34 10.82 22.35 1.28
C LEU C 34 12.14 23.09 0.98
N GLU C 35 12.62 23.86 1.94
CA GLU C 35 13.92 24.51 1.82
C GLU C 35 15.05 23.54 1.50
N ASN C 36 15.03 22.38 2.14
CA ASN C 36 16.05 21.36 1.93
C ASN C 36 15.75 20.44 0.75
N HIS C 37 14.77 20.82 -0.07
CA HIS C 37 14.34 20.05 -1.25
C HIS C 37 14.09 18.54 -0.99
N GLU C 38 13.45 18.21 0.13
CA GLU C 38 13.18 16.83 0.51
C GLU C 38 11.93 16.25 -0.15
N PHE C 39 11.16 17.10 -0.80
CA PHE C 39 9.98 16.63 -1.57
C PHE C 39 10.35 16.35 -3.01
N LYS C 40 10.32 15.08 -3.38
CA LYS C 40 10.80 14.65 -4.63
C LYS C 40 9.68 14.16 -5.53
N PRO C 41 9.88 14.36 -6.83
CA PRO C 41 9.00 13.86 -7.85
C PRO C 41 9.32 12.43 -8.21
N TRP C 42 8.45 11.51 -7.84
CA TRP C 42 8.49 10.14 -8.28
C TRP C 42 7.54 10.13 -9.44
N ILE C 43 7.79 9.24 -10.39
CA ILE C 43 7.11 9.31 -11.66
C ILE C 43 6.58 7.93 -11.99
N GLN C 44 5.31 7.87 -12.36
CA GLN C 44 4.70 6.58 -12.68
C GLN C 44 4.34 6.59 -14.15
N PRO C 45 4.76 5.56 -14.89
CA PRO C 45 4.40 5.56 -16.27
C PRO C 45 2.93 5.26 -16.50
N VAL C 46 2.42 5.81 -17.60
CA VAL C 46 1.06 5.55 -18.12
C VAL C 46 1.16 5.03 -19.57
N PHE C 47 0.25 4.12 -19.92
CA PHE C 47 0.31 3.38 -21.16
C PHE C 47 -0.98 3.39 -21.96
N CYS C 48 -0.85 3.23 -23.26
CA CYS C 48 -1.98 3.01 -24.17
C CYS C 48 -2.58 1.63 -23.88
N ALA C 49 -3.88 1.58 -23.66
CA ALA C 49 -4.57 0.34 -23.28
C ALA C 49 -4.58 -0.66 -24.43
N GLN C 50 -4.80 -0.13 -25.64
CA GLN C 50 -4.81 -0.90 -26.89
C GLN C 50 -3.50 -1.61 -27.17
N THR C 51 -2.38 -0.90 -27.03
CA THR C 51 -1.09 -1.39 -27.53
C THR C 51 -0.02 -1.67 -26.48
N GLY C 52 -0.22 -1.21 -25.23
CA GLY C 52 0.78 -1.37 -24.18
C GLY C 52 1.91 -0.35 -24.20
N VAL C 53 1.88 0.57 -25.16
CA VAL C 53 2.95 1.54 -25.40
C VAL C 53 2.94 2.69 -24.40
N LEU C 54 4.12 3.18 -24.04
CA LEU C 54 4.26 4.34 -23.14
C LEU C 54 3.71 5.61 -23.77
N THR C 55 2.76 6.23 -23.09
CA THR C 55 2.11 7.45 -23.60
C THR C 55 2.32 8.64 -22.71
N GLY C 56 2.76 8.41 -21.48
CA GLY C 56 2.92 9.50 -20.52
C GLY C 56 3.30 9.06 -19.13
N CYS C 57 3.08 9.94 -18.18
CA CYS C 57 3.40 9.65 -16.78
C CYS C 57 2.58 10.50 -15.88
N GLU C 58 2.56 10.14 -14.60
CA GLU C 58 2.05 10.98 -13.54
C GLU C 58 3.20 11.27 -12.60
N VAL C 59 3.27 12.52 -12.16
CA VAL C 59 4.23 12.92 -11.15
C VAL C 59 3.57 12.83 -9.76
N LEU C 60 4.13 11.96 -8.91
CA LEU C 60 3.71 11.84 -7.54
C LEU C 60 4.80 12.31 -6.62
N VAL C 61 4.39 12.88 -5.51
CA VAL C 61 5.32 13.48 -4.59
C VAL C 61 5.67 12.45 -3.51
N ARG C 62 6.95 12.40 -3.15
CA ARG C 62 7.44 11.61 -2.05
C ARG C 62 8.29 12.52 -1.20
N TRP C 63 8.00 12.50 0.09
CA TRP C 63 8.85 13.12 1.06
C TRP C 63 9.88 12.11 1.54
N GLU C 64 11.14 12.31 1.13
CA GLU C 64 12.28 11.50 1.60
C GLU C 64 12.93 12.21 2.77
N HIS C 65 12.61 11.80 3.98
CA HIS C 65 13.18 12.41 5.14
C HIS C 65 14.57 11.82 5.34
N PRO C 66 15.59 12.68 5.52
CA PRO C 66 16.98 12.18 5.57
C PRO C 66 17.19 11.10 6.60
N GLN C 67 16.47 11.15 7.71
CA GLN C 67 16.66 10.14 8.76
C GLN C 67 15.67 9.00 8.66
N THR C 68 14.38 9.32 8.68
CA THR C 68 13.30 8.35 8.85
C THR C 68 12.87 7.65 7.53
N GLY C 69 13.23 8.22 6.37
CA GLY C 69 12.84 7.64 5.07
C GLY C 69 11.57 8.25 4.55
N ILE C 70 10.75 7.45 3.88
CA ILE C 70 9.54 7.96 3.27
C ILE C 70 8.45 8.36 4.27
N ILE C 71 7.90 9.55 4.07
CA ILE C 71 6.68 9.98 4.74
C ILE C 71 5.68 10.06 3.62
N PRO C 72 4.63 9.25 3.68
CA PRO C 72 3.75 9.19 2.55
C PRO C 72 2.78 10.38 2.50
N PRO C 73 2.32 10.74 1.30
CA PRO C 73 1.32 11.78 1.06
C PRO C 73 0.19 11.91 2.06
N ASP C 74 -0.38 10.79 2.51
CA ASP C 74 -1.50 10.82 3.47
C ASP C 74 -1.16 11.63 4.71
N GLN C 75 0.10 11.60 5.11
CA GLN C 75 0.53 12.19 6.39
C GLN C 75 0.90 13.66 6.30
N PHE C 76 1.10 14.17 5.08
CA PHE C 76 1.53 15.57 4.94
C PHE C 76 0.69 16.46 3.99
N ILE C 77 0.04 15.85 2.99
CA ILE C 77 -0.71 16.61 2.00
C ILE C 77 -1.81 17.47 2.64
N PRO C 78 -2.64 16.86 3.50
CA PRO C 78 -3.69 17.66 4.14
C PRO C 78 -3.21 18.92 4.86
N LEU C 79 -2.14 18.76 5.63
CA LEU C 79 -1.56 19.88 6.33
C LEU C 79 -0.88 20.87 5.34
N ALA C 80 -0.29 20.34 4.27
CA ALA C 80 0.28 21.19 3.20
C ALA C 80 -0.81 22.06 2.59
N GLU C 81 -1.99 21.46 2.43
CA GLU C 81 -3.14 22.14 1.87
C GLU C 81 -3.70 23.21 2.81
N SER C 82 -3.96 22.85 4.07
CA SER C 82 -4.54 23.79 5.02
C SER C 82 -3.56 24.90 5.35
N SER C 83 -2.27 24.58 5.45
CA SER C 83 -1.24 25.60 5.75
C SER C 83 -0.96 26.52 4.57
N GLY C 84 -1.30 26.06 3.35
CA GLY C 84 -0.97 26.81 2.12
C GLY C 84 0.37 26.47 1.48
N LEU C 85 1.22 25.73 2.21
CA LEU C 85 2.51 25.30 1.69
C LEU C 85 2.44 24.44 0.42
N ILE C 86 1.28 23.82 0.17
CA ILE C 86 1.12 23.04 -1.06
C ILE C 86 1.51 23.82 -2.32
N VAL C 87 1.25 25.13 -2.33
CA VAL C 87 1.54 25.90 -3.55
C VAL C 87 3.03 25.90 -3.86
N ILE C 88 3.84 25.99 -2.81
CA ILE C 88 5.29 25.99 -2.98
C ILE C 88 5.74 24.61 -3.44
N MET C 89 5.21 23.60 -2.79
CA MET C 89 5.56 22.23 -3.07
C MET C 89 5.28 21.87 -4.53
N THR C 90 4.08 22.20 -4.99
CA THR C 90 3.67 21.86 -6.33
C THR C 90 4.57 22.61 -7.34
N ARG C 91 4.88 23.85 -7.04
CA ARG C 91 5.78 24.60 -7.92
C ARG C 91 7.15 23.89 -8.03
N GLN C 92 7.70 23.46 -6.90
CA GLN C 92 8.99 22.80 -6.89
C GLN C 92 8.95 21.49 -7.64
N LEU C 93 7.88 20.73 -7.50
CA LEU C 93 7.77 19.47 -8.18
C LEU C 93 7.73 19.69 -9.67
N MET C 94 7.01 20.72 -10.10
CA MET C 94 6.90 21.00 -11.51
C MET C 94 8.27 21.37 -12.06
N LYS C 95 9.00 22.20 -11.32
CA LYS C 95 10.35 22.62 -11.69
C LYS C 95 11.27 21.42 -11.75
N GLN C 96 11.25 20.56 -10.74
CA GLN C 96 12.11 19.37 -10.70
C GLN C 96 11.79 18.32 -11.77
N THR C 97 10.54 18.27 -12.19
CA THR C 97 10.13 17.38 -13.26
C THR C 97 10.74 17.82 -14.60
N ALA C 98 10.70 19.12 -14.84
CA ALA C 98 11.31 19.70 -16.02
C ALA C 98 12.80 19.38 -16.05
N ASP C 99 13.49 19.58 -14.92
CA ASP C 99 14.92 19.30 -14.82
C ASP C 99 15.22 17.84 -15.12
N ILE C 100 14.42 16.93 -14.57
CA ILE C 100 14.61 15.51 -14.77
C ILE C 100 14.45 15.10 -16.23
N LEU C 101 13.43 15.61 -16.89
CA LEU C 101 13.09 15.14 -18.23
C LEU C 101 13.83 15.90 -19.34
N MET C 102 14.36 17.08 -19.04
CA MET C 102 14.89 17.94 -20.09
C MET C 102 16.05 17.28 -20.89
N PRO C 103 17.04 16.68 -20.19
CA PRO C 103 18.10 15.95 -20.86
C PRO C 103 17.62 14.86 -21.80
N VAL C 104 16.44 14.31 -21.60
CA VAL C 104 15.97 13.20 -22.41
C VAL C 104 14.73 13.52 -23.23
N LYS C 105 14.34 14.78 -23.29
CA LYS C 105 13.08 15.14 -23.94
C LYS C 105 13.00 14.72 -25.40
N HIS C 106 14.15 14.72 -26.07
CA HIS C 106 14.19 14.27 -27.45
C HIS C 106 13.88 12.78 -27.57
N LEU C 107 14.01 12.03 -26.48
CA LEU C 107 13.74 10.59 -26.48
C LEU C 107 12.31 10.24 -26.14
N LEU C 108 11.53 11.22 -25.73
CA LEU C 108 10.14 10.98 -25.36
C LEU C 108 9.28 10.80 -26.59
N PRO C 109 8.28 9.90 -26.51
CA PRO C 109 7.34 9.80 -27.61
C PRO C 109 6.64 11.13 -27.85
N ASP C 110 6.09 11.28 -29.06
CA ASP C 110 5.29 12.44 -29.41
C ASP C 110 4.07 12.46 -28.52
N ASN C 111 3.61 13.65 -28.17
CA ASN C 111 2.40 13.81 -27.38
C ASN C 111 2.49 13.07 -26.04
N PHE C 112 3.66 13.22 -25.41
CA PHE C 112 3.95 12.58 -24.13
C PHE C 112 3.25 13.32 -23.02
N HIS C 113 2.39 12.62 -22.29
CA HIS C 113 1.56 13.25 -21.28
C HIS C 113 2.29 13.34 -19.95
N ILE C 114 2.19 14.50 -19.32
CA ILE C 114 2.72 14.70 -17.98
C ILE C 114 1.59 15.10 -17.07
N GLY C 115 1.27 14.20 -16.16
CA GLY C 115 0.21 14.41 -15.19
C GLY C 115 0.75 15.04 -13.93
N ILE C 116 0.20 16.20 -13.58
CA ILE C 116 0.48 16.88 -12.31
C ILE C 116 -0.79 17.00 -11.48
N ASN C 117 -0.73 16.56 -10.23
CA ASN C 117 -1.86 16.68 -9.35
C ASN C 117 -1.98 18.11 -8.84
N VAL C 118 -3.16 18.69 -9.06
CA VAL C 118 -3.45 20.07 -8.71
C VAL C 118 -4.67 20.23 -7.80
N SER C 119 -4.47 20.88 -6.64
CA SER C 119 -5.59 21.21 -5.74
C SER C 119 -6.07 22.61 -6.03
N ALA C 120 -7.19 22.97 -5.43
CA ALA C 120 -7.81 24.27 -5.67
C ALA C 120 -6.86 25.41 -5.29
N GLY C 121 -6.18 25.25 -4.16
CA GLY C 121 -5.22 26.22 -3.69
C GLY C 121 -4.15 26.56 -4.70
N CYS C 122 -3.58 25.55 -5.37
CA CYS C 122 -2.57 25.79 -6.41
C CYS C 122 -3.16 26.41 -7.63
N PHE C 123 -4.30 25.87 -8.04
CA PHE C 123 -5.00 26.33 -9.24
C PHE C 123 -5.37 27.80 -9.15
N LEU C 124 -5.74 28.27 -7.96
CA LEU C 124 -6.17 29.64 -7.75
C LEU C 124 -5.07 30.62 -7.38
N ALA C 125 -3.87 30.11 -7.12
CA ALA C 125 -2.76 30.97 -6.69
C ALA C 125 -2.23 31.84 -7.85
N ALA C 126 -1.90 33.07 -7.52
CA ALA C 126 -1.27 33.98 -8.46
C ALA C 126 -0.01 33.31 -9.00
N GLY C 127 0.17 33.32 -10.32
CA GLY C 127 1.39 32.78 -10.93
C GLY C 127 1.32 31.31 -11.33
N PHE C 128 0.18 30.67 -11.11
CA PHE C 128 0.06 29.25 -11.45
C PHE C 128 0.21 29.01 -12.96
N GLU C 129 -0.55 29.75 -13.74
CA GLU C 129 -0.50 29.61 -15.17
C GLU C 129 0.95 29.74 -15.67
N LYS C 130 1.70 30.70 -15.12
CA LYS C 130 3.07 30.94 -15.55
C LYS C 130 3.95 29.72 -15.30
N GLU C 131 3.77 29.08 -14.15
CA GLU C 131 4.55 27.89 -13.83
C GLU C 131 4.26 26.74 -14.81
N CYS C 132 2.99 26.65 -15.28
CA CYS C 132 2.60 25.58 -16.22
C CYS C 132 3.26 25.82 -17.58
N LEU C 133 3.26 27.08 -18.02
CA LEU C 133 3.93 27.44 -19.26
C LEU C 133 5.44 27.17 -19.18
N ASN C 134 6.07 27.53 -18.07
CA ASN C 134 7.51 27.31 -17.93
C ASN C 134 7.87 25.84 -18.11
N LEU C 135 7.05 24.96 -17.57
CA LEU C 135 7.27 23.53 -17.73
C LEU C 135 7.13 23.11 -19.19
N VAL C 136 6.10 23.62 -19.85
CA VAL C 136 5.82 23.24 -21.22
C VAL C 136 6.88 23.82 -22.18
N ASN C 137 7.28 25.06 -21.95
CA ASN C 137 8.28 25.68 -22.81
C ASN C 137 9.64 25.02 -22.67
N LYS C 138 10.04 24.68 -21.46
CA LYS C 138 11.31 23.96 -21.23
C LYS C 138 11.35 22.60 -21.93
N LEU C 139 10.21 21.94 -22.05
CA LEU C 139 10.19 20.57 -22.55
C LEU C 139 9.73 20.45 -23.99
N GLY C 140 9.17 21.52 -24.55
CA GLY C 140 8.71 21.49 -25.92
C GLY C 140 7.21 21.64 -26.01
N ASN C 141 6.77 22.86 -26.33
CA ASN C 141 5.37 23.23 -26.62
C ASN C 141 4.54 22.15 -27.30
N ASP C 142 5.16 21.43 -28.25
CA ASP C 142 4.43 20.51 -29.12
C ASP C 142 4.83 19.04 -28.94
N LYS C 143 5.97 18.78 -28.29
CA LYS C 143 6.34 17.40 -27.93
C LYS C 143 5.48 16.88 -26.77
N ILE C 144 5.24 17.69 -25.76
CA ILE C 144 4.54 17.21 -24.56
C ILE C 144 3.14 17.81 -24.34
N LYS C 145 2.35 17.08 -23.58
CA LYS C 145 1.03 17.53 -23.19
C LYS C 145 0.94 17.49 -21.68
N LEU C 146 0.75 18.68 -21.10
CA LEU C 146 0.61 18.83 -19.66
C LEU C 146 -0.83 18.56 -19.31
N VAL C 147 -1.03 17.63 -18.39
CA VAL C 147 -2.35 17.28 -17.89
C VAL C 147 -2.47 17.62 -16.40
N LEU C 148 -3.29 18.62 -16.08
CA LEU C 148 -3.52 19.00 -14.71
C LEU C 148 -4.60 18.09 -14.16
N GLU C 149 -4.20 17.24 -13.23
CA GLU C 149 -5.10 16.27 -12.63
C GLU C 149 -5.76 16.90 -11.40
N LEU C 150 -7.00 17.35 -11.56
CA LEU C 150 -7.74 18.05 -10.49
C LEU C 150 -8.20 17.07 -9.41
N THR C 151 -7.87 17.37 -8.16
CA THR C 151 -8.12 16.45 -7.04
C THR C 151 -9.58 16.41 -6.65
N GLU C 152 -9.96 15.28 -6.06
CA GLU C 152 -11.33 15.06 -5.57
C GLU C 152 -11.57 15.62 -4.16
N ARG C 153 -10.51 15.92 -3.41
CA ARG C 153 -10.62 16.27 -1.99
C ARG C 153 -10.80 17.80 -1.79
N ASN C 154 -10.11 18.59 -2.61
CA ASN C 154 -10.14 20.05 -2.53
C ASN C 154 -10.51 20.55 -3.89
N PRO C 155 -11.77 20.34 -4.26
CA PRO C 155 -12.20 20.65 -5.61
C PRO C 155 -12.06 22.14 -5.93
N ILE C 156 -11.91 22.44 -7.20
CA ILE C 156 -11.94 23.81 -7.66
C ILE C 156 -13.32 24.37 -7.43
N PRO C 157 -13.42 25.60 -6.90
CA PRO C 157 -14.78 26.13 -6.77
C PRO C 157 -15.43 26.38 -8.12
N VAL C 158 -16.76 26.32 -8.15
CA VAL C 158 -17.51 26.49 -9.37
C VAL C 158 -17.86 27.96 -9.48
N THR C 159 -16.91 28.78 -9.91
CA THR C 159 -17.12 30.22 -10.02
C THR C 159 -16.65 30.73 -11.36
N PRO C 160 -17.12 31.92 -11.77
CA PRO C 160 -16.60 32.54 -12.99
C PRO C 160 -15.07 32.65 -13.03
N GLU C 161 -14.46 33.03 -11.90
CA GLU C 161 -13.03 33.30 -11.85
C GLU C 161 -12.22 32.02 -12.06
N ALA C 162 -12.71 30.93 -11.48
CA ALA C 162 -12.12 29.61 -11.66
C ALA C 162 -12.20 29.15 -13.10
N ARG C 163 -13.34 29.45 -13.73
CA ARG C 163 -13.58 29.07 -15.11
C ARG C 163 -12.71 29.90 -16.07
N ALA C 164 -12.46 31.15 -15.72
CA ALA C 164 -11.56 32.00 -16.50
C ALA C 164 -10.12 31.46 -16.52
N ILE C 165 -9.65 31.01 -15.36
CA ILE C 165 -8.32 30.43 -15.26
C ILE C 165 -8.25 29.13 -16.06
N PHE C 166 -9.31 28.34 -15.94
CA PHE C 166 -9.46 27.08 -16.66
C PHE C 166 -9.42 27.31 -18.16
N ASP C 167 -10.17 28.30 -18.64
CA ASP C 167 -10.23 28.59 -20.07
C ASP C 167 -8.89 29.13 -20.58
N SER C 168 -8.27 30.00 -19.79
CA SER C 168 -6.96 30.57 -20.15
C SER C 168 -5.93 29.46 -20.39
N LEU C 169 -5.82 28.54 -19.44
CA LEU C 169 -4.90 27.40 -19.56
C LEU C 169 -5.20 26.55 -20.80
N HIS C 170 -6.49 26.30 -21.06
CA HIS C 170 -6.92 25.57 -22.28
C HIS C 170 -6.44 26.26 -23.55
N GLN C 171 -6.53 27.58 -23.60
CA GLN C 171 -6.04 28.34 -24.78
C GLN C 171 -4.55 28.15 -25.02
N HIS C 172 -3.82 27.86 -23.94
CA HIS C 172 -2.39 27.56 -23.98
C HIS C 172 -2.09 26.07 -24.18
N ASN C 173 -3.08 25.29 -24.59
CA ASN C 173 -2.91 23.85 -24.92
C ASN C 173 -2.55 22.95 -23.76
N ILE C 174 -2.82 23.44 -22.55
CA ILE C 174 -2.75 22.64 -21.34
C ILE C 174 -4.11 21.99 -21.10
N THR C 175 -4.10 20.76 -20.60
CA THR C 175 -5.32 19.96 -20.51
C THR C 175 -5.63 19.60 -19.07
N PHE C 176 -6.83 19.07 -18.86
CA PHE C 176 -7.32 18.79 -17.51
C PHE C 176 -7.86 17.38 -17.39
N ALA C 177 -7.69 16.81 -16.21
CA ALA C 177 -8.28 15.53 -15.88
C ALA C 177 -9.10 15.68 -14.61
N LEU C 178 -10.20 14.94 -14.48
CA LEU C 178 -10.86 14.80 -13.18
C LEU C 178 -10.31 13.54 -12.55
N ASP C 179 -9.55 13.72 -11.50
CA ASP C 179 -8.82 12.64 -10.90
C ASP C 179 -9.73 11.90 -9.91
N ASP C 180 -9.46 10.62 -9.73
CA ASP C 180 -10.16 9.78 -8.79
C ASP C 180 -11.66 9.94 -8.96
N PHE C 181 -12.07 9.94 -10.22
CA PHE C 181 -13.47 10.19 -10.53
C PHE C 181 -14.35 9.16 -9.85
N GLY C 182 -15.47 9.63 -9.31
CA GLY C 182 -16.43 8.76 -8.61
C GLY C 182 -16.24 8.70 -7.10
N THR C 183 -15.31 9.50 -6.57
CA THR C 183 -15.04 9.59 -5.14
C THR C 183 -14.89 11.05 -4.75
N GLY C 184 -14.97 11.33 -3.46
CA GLY C 184 -14.86 12.69 -2.95
C GLY C 184 -15.91 13.58 -3.58
N TYR C 185 -15.46 14.71 -4.14
CA TYR C 185 -16.32 15.68 -4.81
C TYR C 185 -16.34 15.48 -6.33
N ALA C 186 -15.73 14.39 -6.81
CA ALA C 186 -15.61 14.17 -8.25
C ALA C 186 -16.93 13.63 -8.76
N THR C 187 -17.84 14.57 -8.99
CA THR C 187 -19.18 14.28 -9.41
C THR C 187 -19.45 14.72 -10.86
N TYR C 188 -20.65 14.39 -11.33
CA TYR C 188 -21.13 14.84 -12.62
C TYR C 188 -21.06 16.35 -12.71
N ARG C 189 -21.30 17.04 -11.61
CA ARG C 189 -21.26 18.51 -11.60
C ARG C 189 -19.94 19.08 -12.09
N TYR C 190 -18.82 18.45 -11.74
CA TYR C 190 -17.55 18.96 -12.21
C TYR C 190 -17.39 18.86 -13.71
N LEU C 191 -17.93 17.80 -14.29
CA LEU C 191 -17.90 17.64 -15.73
C LEU C 191 -18.79 18.66 -16.40
N GLN C 192 -19.89 19.01 -15.76
CA GLN C 192 -20.80 20.04 -16.25
C GLN C 192 -20.16 21.43 -16.17
N ALA C 193 -19.46 21.72 -15.09
CA ALA C 193 -18.92 23.06 -14.87
C ALA C 193 -17.66 23.30 -15.68
N PHE C 194 -16.87 22.24 -15.87
CA PHE C 194 -15.58 22.33 -16.53
C PHE C 194 -15.44 21.29 -17.65
N PRO C 195 -15.36 21.73 -18.90
CA PRO C 195 -15.14 20.77 -19.99
C PRO C 195 -13.70 20.21 -19.98
N VAL C 196 -13.48 19.18 -19.17
CA VAL C 196 -12.15 18.58 -19.04
C VAL C 196 -11.84 17.67 -20.20
N ASP C 197 -10.62 17.18 -20.28
CA ASP C 197 -10.13 16.37 -21.41
C ASP C 197 -10.00 14.89 -21.05
N PHE C 198 -9.78 14.61 -19.76
CA PHE C 198 -9.58 13.26 -19.31
C PHE C 198 -10.39 12.98 -18.04
N ILE C 199 -10.78 11.72 -17.86
CA ILE C 199 -11.33 11.25 -16.61
C ILE C 199 -10.45 10.11 -16.19
N LYS C 200 -9.94 10.16 -14.97
CA LYS C 200 -9.21 9.05 -14.39
C LYS C 200 -10.16 8.33 -13.44
N ILE C 201 -10.37 7.05 -13.69
CA ILE C 201 -11.24 6.25 -12.84
C ILE C 201 -10.52 5.91 -11.54
N ASP C 202 -11.13 6.24 -10.41
CA ASP C 202 -10.56 5.83 -9.13
C ASP C 202 -10.30 4.31 -9.08
N LYS C 203 -9.20 3.96 -8.43
CA LYS C 203 -8.81 2.56 -8.32
C LYS C 203 -9.85 1.68 -7.63
N SER C 204 -10.68 2.25 -6.75
CA SER C 204 -11.68 1.47 -6.05
C SER C 204 -12.65 0.80 -7.03
N PHE C 205 -12.87 1.40 -8.19
CA PHE C 205 -13.78 0.81 -9.19
C PHE C 205 -13.03 -0.14 -10.09
N VAL C 206 -11.80 0.22 -10.43
CA VAL C 206 -10.94 -0.62 -11.27
C VAL C 206 -10.68 -1.96 -10.58
N GLN C 207 -10.35 -1.91 -9.30
CA GLN C 207 -10.00 -3.11 -8.54
C GLN C 207 -11.19 -3.93 -8.07
N MET C 208 -12.37 -3.34 -8.03
CA MET C 208 -13.57 -4.07 -7.58
C MET C 208 -14.42 -4.53 -8.73
N ALA C 209 -14.12 -4.10 -9.95
CA ALA C 209 -14.95 -4.45 -11.10
C ALA C 209 -15.12 -5.94 -11.37
N SER C 210 -14.15 -6.74 -10.94
CA SER C 210 -14.29 -8.20 -11.05
C SER C 210 -14.92 -8.91 -9.85
N VAL C 211 -15.17 -8.17 -8.78
CA VAL C 211 -15.46 -8.75 -7.48
C VAL C 211 -16.93 -8.56 -7.12
N ASP C 212 -17.40 -7.33 -7.20
CA ASP C 212 -18.75 -7.01 -6.82
C ASP C 212 -19.67 -6.91 -8.04
N GLU C 213 -20.90 -6.43 -7.81
CA GLU C 213 -21.97 -6.40 -8.80
C GLU C 213 -22.20 -5.05 -9.50
N ILE C 214 -21.60 -3.95 -9.02
CA ILE C 214 -21.83 -2.62 -9.64
C ILE C 214 -20.57 -1.97 -10.14
N SER C 215 -19.41 -2.33 -9.59
CA SER C 215 -18.18 -1.64 -9.93
C SER C 215 -17.91 -1.71 -11.42
N GLY C 216 -18.12 -2.88 -12.00
CA GLY C 216 -17.97 -3.04 -13.44
C GLY C 216 -18.94 -2.16 -14.21
N HIS C 217 -20.18 -2.13 -13.75
CA HIS C 217 -21.22 -1.29 -14.33
C HIS C 217 -20.90 0.21 -14.26
N ILE C 218 -20.28 0.62 -13.15
CA ILE C 218 -19.82 1.98 -12.95
C ILE C 218 -18.77 2.35 -13.99
N VAL C 219 -17.81 1.43 -14.25
CA VAL C 219 -16.80 1.70 -15.25
C VAL C 219 -17.49 1.88 -16.58
N ASP C 220 -18.43 1.00 -16.93
CA ASP C 220 -19.15 1.12 -18.21
C ASP C 220 -19.81 2.48 -18.29
N ASN C 221 -20.34 2.91 -17.17
CA ASN C 221 -20.98 4.20 -17.08
C ASN C 221 -20.03 5.36 -17.34
N ILE C 222 -18.81 5.26 -16.81
CA ILE C 222 -17.81 6.28 -17.03
C ILE C 222 -17.37 6.28 -18.49
N VAL C 223 -17.26 5.10 -19.07
CA VAL C 223 -16.93 5.01 -20.48
C VAL C 223 -18.00 5.68 -21.31
N GLU C 224 -19.28 5.44 -21.00
CA GLU C 224 -20.38 6.06 -21.77
C GLU C 224 -20.39 7.56 -21.54
N LEU C 225 -20.09 7.97 -20.32
CA LEU C 225 -20.06 9.39 -19.95
C LEU C 225 -19.07 10.15 -20.85
N ALA C 226 -17.91 9.54 -21.07
CA ALA C 226 -16.80 10.20 -21.76
C ALA C 226 -17.05 10.29 -23.25
N ARG C 227 -17.83 9.35 -23.78
CA ARG C 227 -17.92 9.18 -25.22
C ARG C 227 -18.52 10.37 -25.94
N LYS C 228 -19.59 10.96 -25.41
CA LYS C 228 -20.24 12.08 -26.11
C LYS C 228 -19.33 13.28 -26.27
N PRO C 229 -18.81 13.85 -25.16
CA PRO C 229 -17.86 14.96 -25.33
C PRO C 229 -16.48 14.55 -25.88
N GLY C 230 -16.20 13.25 -26.01
CA GLY C 230 -14.94 12.77 -26.58
C GLY C 230 -13.74 12.81 -25.64
N LEU C 231 -13.96 12.55 -24.35
CA LEU C 231 -12.88 12.54 -23.35
C LEU C 231 -12.16 11.22 -23.38
N SER C 232 -10.91 11.23 -22.91
CA SER C 232 -10.15 10.01 -22.74
C SER C 232 -10.16 9.54 -21.28
N ILE C 233 -10.15 8.23 -21.10
CA ILE C 233 -10.23 7.63 -19.79
C ILE C 233 -8.95 6.91 -19.43
N VAL C 234 -8.51 7.12 -18.19
CA VAL C 234 -7.43 6.31 -17.70
C VAL C 234 -7.89 5.53 -16.49
N ALA C 235 -7.61 4.24 -16.50
CA ALA C 235 -7.86 3.40 -15.33
C ALA C 235 -6.64 3.47 -14.40
N GLU C 236 -6.86 3.90 -13.16
CA GLU C 236 -5.81 3.96 -12.13
C GLU C 236 -5.77 2.67 -11.35
N GLY C 237 -4.64 2.39 -10.70
CA GLY C 237 -4.56 1.26 -9.78
C GLY C 237 -4.69 -0.09 -10.45
N VAL C 238 -4.33 -0.18 -11.72
CA VAL C 238 -4.31 -1.45 -12.40
C VAL C 238 -3.21 -2.32 -11.74
N GLU C 239 -3.61 -3.37 -11.04
CA GLU C 239 -2.70 -4.22 -10.26
C GLU C 239 -2.51 -5.65 -10.81
N THR C 240 -3.49 -6.18 -11.52
CA THR C 240 -3.44 -7.53 -12.02
C THR C 240 -3.80 -7.56 -13.50
N GLN C 241 -3.41 -8.63 -14.18
CA GLN C 241 -3.69 -8.73 -15.61
C GLN C 241 -5.19 -8.81 -15.88
N GLU C 242 -5.95 -9.45 -15.00
CA GLU C 242 -7.38 -9.55 -15.22
C GLU C 242 -8.05 -8.19 -15.11
N GLN C 243 -7.58 -7.35 -14.20
CA GLN C 243 -8.07 -5.97 -14.09
C GLN C 243 -7.79 -5.19 -15.35
N ALA C 244 -6.61 -5.37 -15.92
CA ALA C 244 -6.26 -4.66 -17.14
C ALA C 244 -7.15 -5.12 -18.27
N ASP C 245 -7.26 -6.43 -18.45
CA ASP C 245 -8.02 -7.01 -19.57
C ASP C 245 -9.46 -6.50 -19.52
N LEU C 246 -9.99 -6.48 -18.31
CA LEU C 246 -11.32 -5.99 -18.07
C LEU C 246 -11.48 -4.51 -18.48
N MET C 247 -10.53 -3.68 -18.07
CA MET C 247 -10.55 -2.26 -18.41
C MET C 247 -10.39 -2.03 -19.91
N ILE C 248 -9.47 -2.78 -20.54
CA ILE C 248 -9.25 -2.69 -21.97
C ILE C 248 -10.53 -3.04 -22.71
N GLY C 249 -11.13 -4.17 -22.34
CA GLY C 249 -12.37 -4.65 -22.95
C GLY C 249 -13.47 -3.62 -22.88
N LYS C 250 -13.56 -2.90 -21.77
CA LYS C 250 -14.64 -1.91 -21.56
C LYS C 250 -14.43 -0.58 -22.31
N GLY C 251 -13.32 -0.44 -23.04
CA GLY C 251 -13.06 0.76 -23.86
C GLY C 251 -12.24 1.88 -23.21
N VAL C 252 -11.51 1.54 -22.16
CA VAL C 252 -10.65 2.50 -21.48
C VAL C 252 -9.43 2.77 -22.35
N HIS C 253 -8.97 4.01 -22.39
CA HIS C 253 -7.94 4.45 -23.33
C HIS C 253 -6.52 4.30 -22.82
N PHE C 254 -6.33 4.57 -21.53
CA PHE C 254 -5.01 4.52 -20.92
C PHE C 254 -5.05 3.70 -19.65
N LEU C 255 -3.91 3.15 -19.27
CA LEU C 255 -3.78 2.31 -18.08
C LEU C 255 -2.59 2.73 -17.25
N GLN C 256 -2.74 2.58 -15.94
CA GLN C 256 -1.75 3.02 -15.00
C GLN C 256 -1.87 2.15 -13.75
N GLY C 257 -0.74 1.74 -13.20
CA GLY C 257 -0.75 0.92 -11.99
C GLY C 257 0.44 0.02 -11.77
N TYR C 258 0.44 -0.64 -10.61
CA TYR C 258 1.51 -1.52 -10.18
C TYR C 258 1.82 -2.70 -11.06
N LEU C 259 0.83 -3.14 -11.80
CA LEU C 259 1.04 -4.21 -12.75
C LEU C 259 2.17 -3.86 -13.75
N TYR C 260 2.26 -2.60 -14.13
CA TYR C 260 3.29 -2.16 -15.06
C TYR C 260 4.48 -1.62 -14.30
N SER C 261 4.22 -0.66 -13.43
CA SER C 261 5.23 -0.13 -12.56
C SER C 261 4.60 0.75 -11.50
N PRO C 262 5.10 0.66 -10.27
CA PRO C 262 4.78 1.68 -9.31
C PRO C 262 5.47 2.97 -9.70
N PRO C 263 5.18 4.05 -8.97
CA PRO C 263 5.94 5.27 -9.16
C PRO C 263 7.39 5.01 -8.78
N VAL C 264 8.32 5.62 -9.49
CA VAL C 264 9.74 5.39 -9.22
C VAL C 264 10.48 6.71 -9.25
N PRO C 265 11.63 6.76 -8.57
CA PRO C 265 12.43 7.99 -8.65
C PRO C 265 12.75 8.34 -10.12
N GLY C 266 12.96 9.63 -10.36
CA GLY C 266 13.15 10.12 -11.73
C GLY C 266 14.24 9.43 -12.55
N ASN C 267 15.41 9.29 -11.96
CA ASN C 267 16.52 8.62 -12.64
C ASN C 267 16.10 7.22 -13.07
N LYS C 268 15.37 6.52 -12.21
CA LYS C 268 14.92 5.18 -12.55
C LYS C 268 13.78 5.19 -13.57
N PHE C 269 12.95 6.22 -13.54
CA PHE C 269 11.95 6.37 -14.58
C PHE C 269 12.65 6.52 -15.94
N ILE C 270 13.66 7.37 -15.99
CA ILE C 270 14.36 7.62 -17.24
C ILE C 270 15.04 6.34 -17.72
N SER C 271 15.77 5.72 -16.80
CA SER C 271 16.53 4.52 -17.11
C SER C 271 15.65 3.33 -17.50
N GLU C 272 14.49 3.16 -16.87
CA GLU C 272 13.61 2.03 -17.16
C GLU C 272 12.67 2.27 -18.35
N TRP C 273 12.05 3.45 -18.43
CA TRP C 273 10.95 3.69 -19.40
C TRP C 273 11.29 4.62 -20.57
N VAL C 274 12.30 5.49 -20.44
CA VAL C 274 12.68 6.37 -21.54
C VAL C 274 13.84 5.77 -22.37
N MET C 275 14.94 5.32 -21.76
CA MET C 275 16.10 4.84 -22.53
C MET C 275 16.11 3.32 -22.77
N HIS D 23 -27.31 35.66 11.04
CA HIS D 23 -26.61 36.04 12.32
C HIS D 23 -27.56 36.25 13.52
N ILE D 24 -28.86 36.44 13.22
CA ILE D 24 -29.97 36.34 14.20
C ILE D 24 -30.31 34.82 14.41
N VAL D 25 -29.71 33.95 13.59
CA VAL D 25 -29.81 32.50 13.72
C VAL D 25 -28.64 31.86 14.47
N THR D 26 -28.93 31.39 15.68
CA THR D 26 -27.94 30.73 16.54
C THR D 26 -28.41 29.31 16.90
N PRO D 27 -27.51 28.48 17.43
CA PRO D 27 -27.98 27.22 18.02
C PRO D 27 -29.01 27.38 19.13
N GLU D 28 -28.88 28.40 19.98
CA GLU D 28 -29.87 28.58 21.05
C GLU D 28 -31.23 28.99 20.50
N ALA D 29 -31.24 29.81 19.46
CA ALA D 29 -32.50 30.19 18.83
C ALA D 29 -33.14 28.97 18.19
N ILE D 30 -32.33 28.10 17.57
CA ILE D 30 -32.85 26.86 17.03
C ILE D 30 -33.41 25.93 18.13
N SER D 31 -32.72 25.85 19.27
CA SER D 31 -33.19 25.05 20.40
C SER D 31 -34.55 25.53 20.88
N LEU D 32 -34.62 26.84 21.10
CA LEU D 32 -35.85 27.49 21.59
C LEU D 32 -36.99 27.24 20.61
N ALA D 33 -36.68 27.35 19.33
CA ALA D 33 -37.68 27.15 18.29
C ALA D 33 -38.15 25.69 18.26
N LEU D 34 -37.25 24.76 18.56
CA LEU D 34 -37.64 23.36 18.58
C LEU D 34 -38.60 23.11 19.76
N GLU D 35 -38.25 23.60 20.95
CA GLU D 35 -39.14 23.50 22.11
C GLU D 35 -40.52 24.12 21.84
N ASN D 36 -40.58 25.23 21.11
CA ASN D 36 -41.84 25.89 20.72
C ASN D 36 -42.48 25.30 19.45
N HIS D 37 -41.97 24.16 18.98
CA HIS D 37 -42.46 23.47 17.76
C HIS D 37 -42.67 24.37 16.51
N GLU D 38 -41.71 25.28 16.28
CA GLU D 38 -41.79 26.24 15.18
C GLU D 38 -41.30 25.67 13.85
N PHE D 39 -40.69 24.47 13.89
CA PHE D 39 -40.25 23.81 12.66
C PHE D 39 -41.33 22.87 12.12
N LYS D 40 -41.91 23.22 10.97
CA LYS D 40 -43.07 22.55 10.45
C LYS D 40 -42.75 21.75 9.18
N PRO D 41 -43.44 20.63 9.02
CA PRO D 41 -43.38 19.81 7.86
C PRO D 41 -44.26 20.34 6.74
N TRP D 42 -43.65 20.86 5.68
CA TRP D 42 -44.35 21.15 4.44
C TRP D 42 -44.12 19.93 3.57
N ILE D 43 -45.04 19.66 2.67
CA ILE D 43 -45.04 18.40 1.98
C ILE D 43 -45.17 18.67 0.49
N GLN D 44 -44.30 18.06 -0.31
CA GLN D 44 -44.36 18.22 -1.75
C GLN D 44 -44.73 16.90 -2.42
N PRO D 45 -45.75 16.90 -3.29
CA PRO D 45 -46.13 15.64 -3.90
C PRO D 45 -45.14 15.20 -4.96
N VAL D 46 -45.05 13.88 -5.10
CA VAL D 46 -44.27 13.19 -6.12
C VAL D 46 -45.17 12.27 -6.94
N PHE D 47 -44.88 12.16 -8.23
CA PHE D 47 -45.79 11.53 -9.20
C PHE D 47 -45.09 10.47 -10.08
N CYS D 48 -45.88 9.51 -10.53
CA CYS D 48 -45.45 8.53 -11.53
C CYS D 48 -45.26 9.25 -12.86
N ALA D 49 -44.08 9.07 -13.46
CA ALA D 49 -43.74 9.79 -14.69
C ALA D 49 -44.59 9.30 -15.87
N GLN D 50 -44.81 7.99 -15.91
CA GLN D 50 -45.64 7.34 -16.94
C GLN D 50 -47.07 7.87 -16.97
N THR D 51 -47.71 7.98 -15.80
CA THR D 51 -49.16 8.18 -15.72
C THR D 51 -49.62 9.49 -15.11
N GLY D 52 -48.73 10.23 -14.45
CA GLY D 52 -49.09 11.48 -13.77
C GLY D 52 -49.71 11.31 -12.40
N VAL D 53 -49.85 10.07 -11.96
CA VAL D 53 -50.57 9.72 -10.72
C VAL D 53 -49.70 9.98 -9.48
N LEU D 54 -50.35 10.37 -8.38
CA LEU D 54 -49.67 10.58 -7.09
C LEU D 54 -49.11 9.26 -6.54
N THR D 55 -47.80 9.25 -6.28
CA THR D 55 -47.11 8.06 -5.76
C THR D 55 -46.46 8.29 -4.40
N GLY D 56 -46.32 9.54 -3.98
CA GLY D 56 -45.65 9.83 -2.74
C GLY D 56 -45.44 11.31 -2.50
N CYS D 57 -44.51 11.61 -1.60
CA CYS D 57 -44.24 12.98 -1.22
C CYS D 57 -42.86 13.07 -0.64
N GLU D 58 -42.35 14.30 -0.55
CA GLU D 58 -41.16 14.63 0.23
C GLU D 58 -41.54 15.61 1.32
N VAL D 59 -41.01 15.37 2.51
CA VAL D 59 -41.24 16.24 3.64
C VAL D 59 -40.09 17.23 3.70
N LEU D 60 -40.45 18.50 3.54
CA LEU D 60 -39.51 19.61 3.68
C LEU D 60 -39.86 20.47 4.88
N VAL D 61 -38.84 21.06 5.47
CA VAL D 61 -38.98 21.76 6.72
C VAL D 61 -39.13 23.25 6.43
N ARG D 62 -40.02 23.90 7.17
CA ARG D 62 -40.15 25.33 7.16
C ARG D 62 -40.15 25.85 8.61
N TRP D 63 -39.33 26.86 8.88
CA TRP D 63 -39.28 27.51 10.18
C TRP D 63 -40.18 28.73 10.15
N GLU D 64 -41.31 28.63 10.83
CA GLU D 64 -42.27 29.74 10.95
C GLU D 64 -41.97 30.45 12.26
N HIS D 65 -41.21 31.54 12.21
CA HIS D 65 -40.90 32.29 13.40
C HIS D 65 -42.09 33.19 13.76
N PRO D 66 -42.58 33.11 15.01
CA PRO D 66 -43.80 33.86 15.38
C PRO D 66 -43.79 35.36 15.05
N GLN D 67 -42.65 36.03 15.18
CA GLN D 67 -42.58 37.45 14.83
C GLN D 67 -42.01 37.70 13.44
N THR D 68 -40.85 37.11 13.16
CA THR D 68 -40.05 37.41 11.97
C THR D 68 -40.51 36.71 10.69
N GLY D 69 -41.37 35.71 10.81
CA GLY D 69 -41.93 35.04 9.62
C GLY D 69 -41.10 33.84 9.19
N ILE D 70 -41.05 33.57 7.90
CA ILE D 70 -40.37 32.36 7.41
C ILE D 70 -38.87 32.58 7.43
N ILE D 71 -38.14 31.61 7.99
CA ILE D 71 -36.69 31.59 7.88
C ILE D 71 -36.38 30.39 7.04
N PRO D 72 -35.72 30.60 5.90
CA PRO D 72 -35.67 29.49 4.97
C PRO D 72 -34.53 28.54 5.32
N PRO D 73 -34.63 27.28 4.90
CA PRO D 73 -33.64 26.24 5.17
C PRO D 73 -32.18 26.68 5.02
N ASP D 74 -31.87 27.47 4.01
CA ASP D 74 -30.48 27.91 3.76
C ASP D 74 -29.86 28.55 4.98
N GLN D 75 -30.69 29.24 5.76
CA GLN D 75 -30.21 30.04 6.85
C GLN D 75 -30.06 29.26 8.16
N PHE D 76 -30.67 28.07 8.25
CA PHE D 76 -30.65 27.32 9.51
C PHE D 76 -30.18 25.85 9.44
N ILE D 77 -30.35 25.20 8.30
CA ILE D 77 -29.96 23.80 8.16
C ILE D 77 -28.48 23.55 8.46
N PRO D 78 -27.59 24.37 7.88
CA PRO D 78 -26.16 24.13 8.10
C PRO D 78 -25.79 24.18 9.57
N LEU D 79 -26.34 25.15 10.26
CA LEU D 79 -26.09 25.30 11.68
C LEU D 79 -26.79 24.22 12.53
N ALA D 80 -27.97 23.79 12.08
CA ALA D 80 -28.61 22.65 12.67
C ALA D 80 -27.72 21.41 12.59
N GLU D 81 -27.07 21.28 11.44
CA GLU D 81 -26.22 20.14 11.17
C GLU D 81 -24.95 20.17 11.99
N SER D 82 -24.25 21.29 11.97
CA SER D 82 -22.99 21.39 12.70
C SER D 82 -23.24 21.34 14.22
N SER D 83 -24.32 21.96 14.69
CA SER D 83 -24.67 21.95 16.13
C SER D 83 -25.18 20.59 16.60
N GLY D 84 -25.66 19.76 15.65
CA GLY D 84 -26.26 18.46 15.97
C GLY D 84 -27.76 18.49 16.26
N LEU D 85 -28.33 19.69 16.44
CA LEU D 85 -29.76 19.87 16.64
C LEU D 85 -30.64 19.29 15.51
N ILE D 86 -30.06 19.09 14.33
CA ILE D 86 -30.77 18.46 13.24
C ILE D 86 -31.42 17.15 13.70
N VAL D 87 -30.79 16.42 14.60
CA VAL D 87 -31.41 15.13 15.00
C VAL D 87 -32.78 15.30 15.60
N ILE D 88 -32.88 16.31 16.45
CA ILE D 88 -34.11 16.56 17.17
C ILE D 88 -35.15 17.02 16.16
N MET D 89 -34.72 17.92 15.29
CA MET D 89 -35.59 18.50 14.28
C MET D 89 -36.20 17.44 13.37
N THR D 90 -35.33 16.56 12.88
CA THR D 90 -35.75 15.50 11.99
C THR D 90 -36.69 14.55 12.72
N ARG D 91 -36.39 14.25 13.98
CA ARG D 91 -37.32 13.44 14.77
C ARG D 91 -38.71 14.09 14.82
N GLN D 92 -38.76 15.39 15.11
CA GLN D 92 -40.03 16.09 15.25
C GLN D 92 -40.79 16.13 13.94
N LEU D 93 -40.07 16.34 12.84
CA LEU D 93 -40.71 16.38 11.55
C LEU D 93 -41.32 15.04 11.22
N MET D 94 -40.60 13.97 11.53
CA MET D 94 -41.11 12.63 11.29
C MET D 94 -42.38 12.38 12.11
N LYS D 95 -42.36 12.78 13.37
CA LYS D 95 -43.51 12.64 14.28
C LYS D 95 -44.71 13.44 13.76
N GLN D 96 -44.47 14.69 13.36
CA GLN D 96 -45.54 15.57 12.87
C GLN D 96 -46.11 15.13 11.51
N THR D 97 -45.30 14.46 10.72
CA THR D 97 -45.76 13.90 9.45
C THR D 97 -46.75 12.76 9.69
N ALA D 98 -46.43 11.90 10.65
CA ALA D 98 -47.31 10.82 11.06
C ALA D 98 -48.65 11.36 11.53
N ASP D 99 -48.62 12.39 12.38
CA ASP D 99 -49.86 13.04 12.87
C ASP D 99 -50.72 13.61 11.74
N ILE D 100 -50.07 14.27 10.79
CA ILE D 100 -50.77 14.87 9.66
C ILE D 100 -51.45 13.81 8.76
N LEU D 101 -50.75 12.74 8.45
CA LEU D 101 -51.26 11.76 7.49
C LEU D 101 -52.15 10.70 8.12
N MET D 102 -52.09 10.52 9.43
CA MET D 102 -52.76 9.37 10.04
C MET D 102 -54.28 9.35 9.81
N PRO D 103 -54.95 10.51 9.99
CA PRO D 103 -56.38 10.57 9.74
C PRO D 103 -56.77 10.18 8.32
N VAL D 104 -55.86 10.31 7.36
CA VAL D 104 -56.19 10.06 5.97
C VAL D 104 -55.44 8.89 5.36
N LYS D 105 -54.76 8.11 6.19
CA LYS D 105 -53.90 7.05 5.68
C LYS D 105 -54.64 6.01 4.84
N HIS D 106 -55.89 5.76 5.17
CA HIS D 106 -56.72 4.85 4.38
C HIS D 106 -57.00 5.39 2.97
N LEU D 107 -56.85 6.70 2.78
CA LEU D 107 -57.05 7.34 1.47
C LEU D 107 -55.80 7.41 0.61
N LEU D 108 -54.64 7.07 1.18
CA LEU D 108 -53.41 7.12 0.44
C LEU D 108 -53.34 5.96 -0.53
N PRO D 109 -52.76 6.22 -1.72
CA PRO D 109 -52.53 5.10 -2.60
C PRO D 109 -51.64 4.05 -1.95
N ASP D 110 -51.72 2.83 -2.47
CA ASP D 110 -50.86 1.77 -2.01
C ASP D 110 -49.42 2.13 -2.35
N ASN D 111 -48.49 1.70 -1.50
CA ASN D 111 -47.09 1.92 -1.69
C ASN D 111 -46.74 3.42 -1.80
N PHE D 112 -47.36 4.19 -0.91
CA PHE D 112 -47.21 5.64 -0.88
C PHE D 112 -45.87 6.00 -0.26
N HIS D 113 -45.04 6.69 -1.03
CA HIS D 113 -43.68 6.98 -0.62
C HIS D 113 -43.60 8.25 0.22
N ILE D 114 -42.86 8.18 1.31
CA ILE D 114 -42.65 9.32 2.17
C ILE D 114 -41.17 9.56 2.27
N GLY D 115 -40.74 10.67 1.67
CA GLY D 115 -39.33 11.05 1.58
C GLY D 115 -38.93 11.99 2.70
N ILE D 116 -37.96 11.54 3.49
CA ILE D 116 -37.44 12.27 4.62
C ILE D 116 -35.94 12.52 4.37
N ASN D 117 -35.53 13.77 4.43
CA ASN D 117 -34.14 14.14 4.24
C ASN D 117 -33.32 13.81 5.50
N VAL D 118 -32.31 12.97 5.33
CA VAL D 118 -31.49 12.43 6.42
C VAL D 118 -30.00 12.70 6.23
N SER D 119 -29.37 13.33 7.19
CA SER D 119 -27.91 13.50 7.16
C SER D 119 -27.22 12.39 7.91
N ALA D 120 -25.91 12.33 7.82
CA ALA D 120 -25.09 11.34 8.53
C ALA D 120 -25.30 11.39 10.02
N GLY D 121 -25.32 12.60 10.57
CA GLY D 121 -25.60 12.81 12.00
C GLY D 121 -26.87 12.14 12.47
N CYS D 122 -27.98 12.31 11.73
CA CYS D 122 -29.25 11.68 12.12
C CYS D 122 -29.18 10.18 11.99
N PHE D 123 -28.61 9.74 10.87
CA PHE D 123 -28.52 8.33 10.52
C PHE D 123 -27.75 7.54 11.58
N LEU D 124 -26.73 8.17 12.15
CA LEU D 124 -25.83 7.51 13.13
C LEU D 124 -26.27 7.66 14.58
N ALA D 125 -27.26 8.52 14.82
CA ALA D 125 -27.66 8.84 16.17
C ALA D 125 -28.44 7.69 16.81
N ALA D 126 -28.18 7.50 18.10
CA ALA D 126 -28.95 6.58 18.90
C ALA D 126 -30.45 6.84 18.71
N GLY D 127 -31.21 5.78 18.48
CA GLY D 127 -32.66 5.86 18.43
C GLY D 127 -33.22 6.15 17.05
N PHE D 128 -32.36 6.27 16.04
CA PHE D 128 -32.85 6.61 14.69
C PHE D 128 -33.78 5.53 14.12
N GLU D 129 -33.31 4.30 14.13
CA GLU D 129 -34.09 3.22 13.59
C GLU D 129 -35.47 3.17 14.24
N LYS D 130 -35.52 3.38 15.56
CA LYS D 130 -36.78 3.32 16.28
C LYS D 130 -37.76 4.38 15.80
N GLU D 131 -37.26 5.58 15.55
CA GLU D 131 -38.09 6.66 15.04
C GLU D 131 -38.67 6.34 13.67
N CYS D 132 -37.90 5.65 12.83
CA CYS D 132 -38.37 5.28 11.49
C CYS D 132 -39.49 4.26 11.61
N LEU D 133 -39.31 3.27 12.49
CA LEU D 133 -40.35 2.27 12.72
C LEU D 133 -41.64 2.88 13.27
N ASN D 134 -41.53 3.80 14.20
CA ASN D 134 -42.71 4.45 14.77
C ASN D 134 -43.54 5.13 13.69
N LEU D 135 -42.87 5.77 12.75
CA LEU D 135 -43.56 6.41 11.64
C LEU D 135 -44.28 5.37 10.77
N VAL D 136 -43.60 4.28 10.47
CA VAL D 136 -44.12 3.26 9.59
C VAL D 136 -45.27 2.48 10.27
N ASN D 137 -45.11 2.16 11.54
CA ASN D 137 -46.14 1.43 12.27
C ASN D 137 -47.42 2.25 12.42
N LYS D 138 -47.28 3.54 12.74
CA LYS D 138 -48.45 4.42 12.83
C LYS D 138 -49.23 4.53 11.53
N LEU D 139 -48.54 4.45 10.40
CA LEU D 139 -49.19 4.72 9.12
C LEU D 139 -49.53 3.45 8.34
N GLY D 140 -48.99 2.31 8.75
CA GLY D 140 -49.27 1.06 8.08
C GLY D 140 -48.00 0.50 7.45
N ASN D 141 -47.42 -0.48 8.12
CA ASN D 141 -46.31 -1.29 7.64
C ASN D 141 -46.23 -1.56 6.15
N ASP D 142 -47.37 -1.82 5.55
CA ASP D 142 -47.43 -2.27 4.16
C ASP D 142 -48.13 -1.29 3.23
N LYS D 143 -48.87 -0.32 3.78
CA LYS D 143 -49.44 0.75 2.96
C LYS D 143 -48.35 1.74 2.48
N ILE D 144 -47.43 2.12 3.36
CA ILE D 144 -46.48 3.14 3.02
C ILE D 144 -45.03 2.64 2.93
N LYS D 145 -44.24 3.41 2.21
CA LYS D 145 -42.84 3.13 2.01
C LYS D 145 -42.04 4.38 2.40
N LEU D 146 -41.25 4.22 3.44
CA LEU D 146 -40.44 5.28 3.96
C LEU D 146 -39.16 5.28 3.18
N VAL D 147 -38.84 6.45 2.63
CA VAL D 147 -37.63 6.64 1.83
C VAL D 147 -36.71 7.67 2.51
N LEU D 148 -35.58 7.18 3.01
CA LEU D 148 -34.61 8.04 3.63
C LEU D 148 -33.73 8.64 2.56
N GLU D 149 -33.88 9.94 2.35
CA GLU D 149 -33.19 10.66 1.32
C GLU D 149 -31.87 11.14 1.87
N LEU D 150 -30.81 10.39 1.59
CA LEU D 150 -29.47 10.70 2.13
C LEU D 150 -28.91 11.95 1.43
N THR D 151 -28.51 12.95 2.20
CA THR D 151 -28.05 14.23 1.65
C THR D 151 -26.69 14.09 1.01
N GLU D 152 -26.42 15.03 0.10
CA GLU D 152 -25.16 15.12 -0.58
C GLU D 152 -24.08 15.90 0.22
N ARG D 153 -24.48 16.66 1.24
CA ARG D 153 -23.56 17.55 1.97
C ARG D 153 -22.82 16.79 3.06
N ASN D 154 -23.52 15.88 3.71
CA ASN D 154 -23.02 15.28 4.93
C ASN D 154 -23.18 13.79 4.78
N PRO D 155 -22.33 13.19 3.95
CA PRO D 155 -22.47 11.82 3.53
C PRO D 155 -22.25 10.84 4.66
N ILE D 156 -22.92 9.69 4.59
CA ILE D 156 -22.75 8.66 5.58
C ILE D 156 -21.34 8.12 5.47
N PRO D 157 -20.64 7.91 6.60
CA PRO D 157 -19.30 7.37 6.42
C PRO D 157 -19.35 5.94 5.91
N VAL D 158 -18.30 5.55 5.21
CA VAL D 158 -18.24 4.24 4.59
C VAL D 158 -17.59 3.29 5.58
N THR D 159 -18.34 2.82 6.58
CA THR D 159 -17.78 1.98 7.63
C THR D 159 -18.69 0.78 7.88
N PRO D 160 -18.17 -0.29 8.52
CA PRO D 160 -18.99 -1.44 8.88
C PRO D 160 -20.21 -1.08 9.72
N GLU D 161 -20.04 -0.15 10.66
CA GLU D 161 -21.11 0.23 11.58
C GLU D 161 -22.26 0.96 10.87
N ALA D 162 -21.90 1.82 9.93
CA ALA D 162 -22.86 2.50 9.06
C ALA D 162 -23.65 1.51 8.19
N ARG D 163 -22.95 0.51 7.70
CA ARG D 163 -23.52 -0.48 6.82
C ARG D 163 -24.45 -1.40 7.60
N ALA D 164 -24.11 -1.67 8.86
CA ALA D 164 -24.99 -2.44 9.76
C ALA D 164 -26.32 -1.73 10.00
N ILE D 165 -26.27 -0.43 10.26
CA ILE D 165 -27.49 0.37 10.43
C ILE D 165 -28.33 0.38 9.15
N PHE D 166 -27.64 0.55 8.03
CA PHE D 166 -28.25 0.56 6.72
C PHE D 166 -28.96 -0.76 6.45
N ASP D 167 -28.28 -1.88 6.74
CA ASP D 167 -28.83 -3.20 6.48
C ASP D 167 -30.00 -3.49 7.40
N SER D 168 -29.86 -3.10 8.67
CA SER D 168 -30.94 -3.26 9.64
C SER D 168 -32.24 -2.59 9.16
N LEU D 169 -32.14 -1.31 8.77
CA LEU D 169 -33.28 -0.58 8.25
C LEU D 169 -33.89 -1.26 7.03
N HIS D 170 -33.03 -1.73 6.11
CA HIS D 170 -33.50 -2.49 4.92
C HIS D 170 -34.29 -3.73 5.28
N GLN D 171 -33.83 -4.47 6.31
CA GLN D 171 -34.54 -5.66 6.79
C GLN D 171 -35.94 -5.31 7.31
N HIS D 172 -36.11 -4.06 7.75
CA HIS D 172 -37.41 -3.53 8.19
C HIS D 172 -38.21 -2.85 7.07
N ASN D 173 -37.82 -3.09 5.82
CA ASN D 173 -38.55 -2.57 4.62
C ASN D 173 -38.53 -1.05 4.44
N ILE D 174 -37.60 -0.40 5.09
CA ILE D 174 -37.32 1.02 4.89
C ILE D 174 -36.28 1.15 3.79
N THR D 175 -36.41 2.18 2.96
CA THR D 175 -35.61 2.29 1.76
C THR D 175 -34.79 3.53 1.76
N PHE D 176 -33.87 3.63 0.81
CA PHE D 176 -32.92 4.72 0.77
C PHE D 176 -32.83 5.37 -0.61
N ALA D 177 -32.59 6.66 -0.62
CA ALA D 177 -32.36 7.39 -1.84
C ALA D 177 -31.05 8.13 -1.72
N LEU D 178 -30.32 8.26 -2.82
CA LEU D 178 -29.24 9.21 -2.87
C LEU D 178 -29.84 10.48 -3.42
N ASP D 179 -29.89 11.49 -2.58
CA ASP D 179 -30.51 12.75 -2.93
C ASP D 179 -29.50 13.66 -3.68
N ASP D 180 -30.03 14.52 -4.55
CA ASP D 180 -29.27 15.49 -5.28
C ASP D 180 -28.06 14.82 -5.93
N PHE D 181 -28.32 13.67 -6.52
CA PHE D 181 -27.27 12.88 -7.09
C PHE D 181 -26.55 13.69 -8.17
N GLY D 182 -25.23 13.57 -8.18
CA GLY D 182 -24.41 14.29 -9.14
C GLY D 182 -23.84 15.58 -8.60
N THR D 183 -24.09 15.88 -7.34
CA THR D 183 -23.56 17.08 -6.68
C THR D 183 -23.04 16.71 -5.30
N GLY D 184 -22.26 17.60 -4.70
CA GLY D 184 -21.71 17.37 -3.37
C GLY D 184 -20.85 16.12 -3.34
N TYR D 185 -21.15 15.23 -2.37
CA TYR D 185 -20.48 13.95 -2.22
C TYR D 185 -21.28 12.81 -2.86
N ALA D 186 -22.33 13.14 -3.61
CA ALA D 186 -23.20 12.12 -4.21
C ALA D 186 -22.54 11.56 -5.46
N THR D 187 -21.60 10.64 -5.21
CA THR D 187 -20.77 10.02 -6.22
C THR D 187 -21.09 8.54 -6.44
N TYR D 188 -20.44 7.96 -7.45
CA TYR D 188 -20.52 6.54 -7.71
C TYR D 188 -20.18 5.75 -6.45
N ARG D 189 -19.24 6.25 -5.66
CA ARG D 189 -18.79 5.55 -4.46
C ARG D 189 -19.95 5.23 -3.52
N TYR D 190 -20.89 6.15 -3.36
CA TYR D 190 -22.01 5.89 -2.46
C TYR D 190 -22.90 4.80 -2.94
N LEU D 191 -23.04 4.69 -4.25
CA LEU D 191 -23.78 3.60 -4.82
C LEU D 191 -23.05 2.26 -4.65
N GLN D 192 -21.73 2.29 -4.73
CA GLN D 192 -20.90 1.12 -4.49
C GLN D 192 -20.95 0.67 -3.03
N ALA D 193 -20.92 1.60 -2.10
CA ALA D 193 -20.85 1.23 -0.69
C ALA D 193 -22.22 0.80 -0.11
N PHE D 194 -23.28 1.43 -0.62
CA PHE D 194 -24.63 1.24 -0.10
C PHE D 194 -25.59 0.91 -1.23
N PRO D 195 -26.15 -0.30 -1.20
CA PRO D 195 -27.12 -0.62 -2.24
C PRO D 195 -28.47 0.11 -1.97
N VAL D 196 -28.58 1.35 -2.45
CA VAL D 196 -29.77 2.14 -2.24
C VAL D 196 -30.86 1.73 -3.23
N ASP D 197 -32.05 2.29 -3.05
CA ASP D 197 -33.22 1.92 -3.82
C ASP D 197 -33.62 2.97 -4.84
N PHE D 198 -33.27 4.22 -4.56
CA PHE D 198 -33.65 5.33 -5.41
C PHE D 198 -32.47 6.26 -5.64
N ILE D 199 -32.46 6.90 -6.80
CA ILE D 199 -31.59 8.01 -7.05
C ILE D 199 -32.47 9.18 -7.43
N LYS D 200 -32.27 10.33 -6.76
CA LYS D 200 -32.96 11.57 -7.12
C LYS D 200 -31.97 12.44 -7.87
N ILE D 201 -32.33 12.78 -9.10
CA ILE D 201 -31.46 13.60 -9.93
C ILE D 201 -31.53 15.05 -9.50
N ASP D 202 -30.38 15.65 -9.20
CA ASP D 202 -30.36 17.03 -8.87
C ASP D 202 -31.03 17.91 -9.94
N LYS D 203 -31.74 18.93 -9.48
CA LYS D 203 -32.45 19.80 -10.40
C LYS D 203 -31.54 20.54 -11.43
N SER D 204 -30.28 20.74 -11.09
CA SER D 204 -29.34 21.37 -12.00
C SER D 204 -29.18 20.61 -13.32
N PHE D 205 -29.37 19.29 -13.29
CA PHE D 205 -29.31 18.49 -14.51
C PHE D 205 -30.65 18.44 -15.20
N VAL D 206 -31.72 18.35 -14.42
CA VAL D 206 -33.07 18.31 -14.96
C VAL D 206 -33.36 19.58 -15.75
N GLN D 207 -33.03 20.72 -15.16
CA GLN D 207 -33.37 22.01 -15.74
C GLN D 207 -32.43 22.44 -16.84
N MET D 208 -31.23 21.86 -16.91
CA MET D 208 -30.27 22.22 -17.95
C MET D 208 -30.25 21.22 -19.09
N ALA D 209 -30.95 20.10 -18.96
CA ALA D 209 -30.91 19.05 -19.99
C ALA D 209 -31.37 19.49 -21.37
N SER D 210 -32.21 20.52 -21.45
CA SER D 210 -32.61 21.08 -22.75
C SER D 210 -31.72 22.21 -23.29
N VAL D 211 -30.76 22.65 -22.49
CA VAL D 211 -30.10 23.92 -22.73
C VAL D 211 -28.65 23.69 -23.14
N ASP D 212 -27.91 22.90 -22.35
CA ASP D 212 -26.48 22.69 -22.61
C ASP D 212 -26.24 21.37 -23.34
N GLU D 213 -24.95 21.01 -23.45
CA GLU D 213 -24.50 19.88 -24.25
C GLU D 213 -24.30 18.57 -23.46
N ILE D 214 -24.26 18.60 -22.14
CA ILE D 214 -23.95 17.39 -21.34
C ILE D 214 -25.01 17.05 -20.33
N SER D 215 -25.81 18.01 -19.89
CA SER D 215 -26.77 17.75 -18.83
C SER D 215 -27.75 16.64 -19.23
N GLY D 216 -28.23 16.66 -20.46
CA GLY D 216 -29.10 15.60 -20.97
C GLY D 216 -28.39 14.25 -20.95
N HIS D 217 -27.13 14.26 -21.38
CA HIS D 217 -26.30 13.06 -21.39
C HIS D 217 -26.06 12.51 -19.98
N ILE D 218 -25.91 13.41 -19.02
CA ILE D 218 -25.79 13.06 -17.60
C ILE D 218 -27.05 12.36 -17.08
N VAL D 219 -28.23 12.88 -17.44
CA VAL D 219 -29.49 12.20 -17.07
C VAL D 219 -29.56 10.80 -17.69
N ASP D 220 -29.22 10.67 -18.97
CA ASP D 220 -29.15 9.33 -19.61
C ASP D 220 -28.22 8.43 -18.83
N ASN D 221 -27.11 8.98 -18.38
CA ASN D 221 -26.13 8.23 -17.65
C ASN D 221 -26.66 7.73 -16.30
N ILE D 222 -27.44 8.57 -15.63
CA ILE D 222 -28.07 8.19 -14.38
C ILE D 222 -29.14 7.12 -14.61
N VAL D 223 -29.88 7.26 -15.69
CA VAL D 223 -30.85 6.23 -16.05
C VAL D 223 -30.14 4.90 -16.30
N GLU D 224 -29.02 4.91 -17.02
CA GLU D 224 -28.30 3.65 -17.31
C GLU D 224 -27.72 3.09 -16.02
N LEU D 225 -27.26 3.97 -15.14
CA LEU D 225 -26.64 3.60 -13.88
C LEU D 225 -27.62 2.79 -13.05
N ALA D 226 -28.86 3.25 -13.02
CA ALA D 226 -29.91 2.66 -12.19
C ALA D 226 -30.38 1.30 -12.70
N ARG D 227 -30.27 1.09 -14.01
CA ARG D 227 -30.93 -0.04 -14.64
C ARG D 227 -30.42 -1.40 -14.19
N LYS D 228 -29.10 -1.55 -14.06
CA LYS D 228 -28.56 -2.87 -13.69
C LYS D 228 -28.99 -3.30 -12.31
N PRO D 229 -28.70 -2.50 -11.26
CA PRO D 229 -29.22 -2.90 -9.94
C PRO D 229 -30.75 -2.74 -9.75
N GLY D 230 -31.45 -2.13 -10.72
CA GLY D 230 -32.91 -2.01 -10.66
C GLY D 230 -33.44 -0.91 -9.72
N LEU D 231 -32.73 0.22 -9.65
CA LEU D 231 -33.13 1.35 -8.83
C LEU D 231 -34.17 2.19 -9.56
N SER D 232 -34.94 2.96 -8.80
CA SER D 232 -35.87 3.91 -9.38
C SER D 232 -35.32 5.33 -9.29
N ILE D 233 -35.67 6.13 -10.29
CA ILE D 233 -35.16 7.49 -10.40
C ILE D 233 -36.28 8.48 -10.23
N VAL D 234 -36.00 9.53 -9.45
CA VAL D 234 -36.88 10.69 -9.46
C VAL D 234 -36.16 11.93 -9.97
N ALA D 235 -36.80 12.63 -10.91
CA ALA D 235 -36.31 13.91 -11.37
C ALA D 235 -36.85 15.01 -10.45
N GLU D 236 -35.94 15.76 -9.82
CA GLU D 236 -36.28 16.89 -8.94
C GLU D 236 -36.33 18.17 -9.74
N GLY D 237 -37.04 19.18 -9.21
CA GLY D 237 -37.05 20.49 -9.83
C GLY D 237 -37.70 20.55 -11.20
N VAL D 238 -38.64 19.64 -11.48
CA VAL D 238 -39.36 19.70 -12.74
C VAL D 238 -40.22 20.95 -12.72
N GLU D 239 -39.88 21.92 -13.57
CA GLU D 239 -40.53 23.24 -13.56
C GLU D 239 -41.40 23.53 -14.78
N THR D 240 -41.10 22.91 -15.92
CA THR D 240 -41.83 23.17 -17.17
C THR D 240 -42.25 21.85 -17.80
N GLN D 241 -43.23 21.91 -18.67
CA GLN D 241 -43.72 20.70 -19.33
C GLN D 241 -42.66 20.07 -20.22
N GLU D 242 -41.81 20.88 -20.85
CA GLU D 242 -40.79 20.32 -21.73
C GLU D 242 -39.74 19.56 -20.90
N GLN D 243 -39.41 20.07 -19.73
CA GLN D 243 -38.52 19.35 -18.81
C GLN D 243 -39.12 18.02 -18.42
N ALA D 244 -40.42 17.99 -18.15
CA ALA D 244 -41.06 16.74 -17.76
C ALA D 244 -41.04 15.74 -18.91
N ASP D 245 -41.45 16.19 -20.09
CA ASP D 245 -41.53 15.31 -21.26
C ASP D 245 -40.15 14.71 -21.55
N LEU D 246 -39.13 15.55 -21.43
CA LEU D 246 -37.77 15.11 -21.60
C LEU D 246 -37.36 14.02 -20.59
N MET D 247 -37.68 14.26 -19.31
CA MET D 247 -37.38 13.30 -18.25
C MET D 247 -38.16 11.99 -18.42
N ILE D 248 -39.43 12.10 -18.80
CA ILE D 248 -40.27 10.93 -19.09
C ILE D 248 -39.69 10.10 -20.24
N GLY D 249 -39.35 10.78 -21.34
CA GLY D 249 -38.76 10.14 -22.51
C GLY D 249 -37.48 9.40 -22.21
N LYS D 250 -36.66 9.94 -21.31
CA LYS D 250 -35.38 9.33 -20.94
C LYS D 250 -35.49 8.15 -19.96
N GLY D 251 -36.71 7.78 -19.53
CA GLY D 251 -36.93 6.60 -18.69
C GLY D 251 -36.90 6.84 -17.19
N VAL D 252 -37.10 8.09 -16.78
CA VAL D 252 -37.20 8.42 -15.36
C VAL D 252 -38.52 7.91 -14.81
N HIS D 253 -38.53 7.41 -13.58
CA HIS D 253 -39.70 6.75 -13.01
C HIS D 253 -40.67 7.67 -12.27
N PHE D 254 -40.12 8.67 -11.58
CA PHE D 254 -40.94 9.59 -10.76
C PHE D 254 -40.57 11.03 -11.07
N LEU D 255 -41.51 11.93 -10.84
CA LEU D 255 -41.32 13.36 -11.10
C LEU D 255 -41.76 14.20 -9.92
N GLN D 256 -41.06 15.30 -9.73
CA GLN D 256 -41.28 16.17 -8.59
C GLN D 256 -40.87 17.57 -8.99
N GLY D 257 -41.66 18.57 -8.61
CA GLY D 257 -41.32 19.96 -8.90
C GLY D 257 -42.50 20.92 -8.99
N TYR D 258 -42.15 22.20 -9.16
CA TYR D 258 -43.09 23.31 -9.14
C TYR D 258 -44.09 23.29 -10.27
N LEU D 259 -43.81 22.54 -11.33
CA LEU D 259 -44.78 22.33 -12.40
C LEU D 259 -46.07 21.70 -11.85
N TYR D 260 -45.93 20.81 -10.89
CA TYR D 260 -47.08 20.12 -10.33
C TYR D 260 -47.50 20.83 -9.08
N SER D 261 -46.56 21.00 -8.15
CA SER D 261 -46.82 21.75 -6.95
C SER D 261 -45.54 22.01 -6.20
N PRO D 262 -45.44 23.21 -5.62
CA PRO D 262 -44.40 23.41 -4.64
C PRO D 262 -44.75 22.65 -3.36
N PRO D 263 -43.82 22.64 -2.39
CA PRO D 263 -44.18 22.11 -1.09
C PRO D 263 -45.28 22.96 -0.47
N VAL D 264 -46.19 22.34 0.27
CA VAL D 264 -47.32 23.04 0.87
C VAL D 264 -47.56 22.58 2.29
N PRO D 265 -48.26 23.39 3.10
CA PRO D 265 -48.56 22.95 4.46
C PRO D 265 -49.37 21.67 4.43
N GLY D 266 -49.25 20.89 5.50
CA GLY D 266 -49.86 19.57 5.57
C GLY D 266 -51.36 19.55 5.28
N ASN D 267 -52.11 20.43 5.92
CA ASN D 267 -53.56 20.51 5.68
C ASN D 267 -53.87 20.74 4.19
N LYS D 268 -53.10 21.61 3.54
CA LYS D 268 -53.27 21.85 2.12
C LYS D 268 -52.79 20.66 1.26
N PHE D 269 -51.76 19.95 1.71
CA PHE D 269 -51.34 18.75 1.01
C PHE D 269 -52.49 17.76 1.01
N ILE D 270 -53.09 17.58 2.18
CA ILE D 270 -54.18 16.61 2.31
C ILE D 270 -55.34 17.05 1.42
N SER D 271 -55.71 18.30 1.55
CA SER D 271 -56.86 18.83 0.83
C SER D 271 -56.67 18.80 -0.68
N GLU D 272 -55.48 19.12 -1.16
CA GLU D 272 -55.24 19.19 -2.61
C GLU D 272 -54.93 17.84 -3.23
N TRP D 273 -54.14 17.03 -2.57
CA TRP D 273 -53.60 15.82 -3.21
C TRP D 273 -54.15 14.49 -2.68
N VAL D 274 -54.64 14.46 -1.46
CA VAL D 274 -55.17 13.21 -0.89
C VAL D 274 -56.68 13.17 -1.03
N MET D 275 -57.34 14.18 -0.47
CA MET D 275 -58.78 14.37 -0.66
C MET D 275 -59.01 15.05 -1.99
MG MG E . 6.33 -15.02 15.69
CAA HB0 F . 0.35 -13.15 11.69
CAB HB0 F . -0.36 -12.98 10.38
CAC HB0 F . -1.01 -11.68 10.47
CAD HB0 F . -2.11 -11.75 11.55
CAE HB0 F . -1.46 -11.98 12.85
CAF HB0 F . -0.64 -13.28 12.78
CAG HB0 F . -2.93 -10.47 11.50
OAH HB0 F . -3.94 -10.49 12.59
OAI HB0 F . 1.21 -14.33 11.67
C1 EDO G . 16.16 -9.40 3.75
O1 EDO G . 16.66 -9.57 5.10
C2 EDO G . 17.30 -9.28 2.71
O2 EDO G . 17.96 -10.51 2.34
C1 EDO H . 11.72 -19.33 5.97
O1 EDO H . 12.17 -20.53 6.58
C2 EDO H . 12.65 -18.12 6.23
O2 EDO H . 13.86 -18.49 6.89
MG MG I . 32.46 -12.38 -3.80
CAA HB0 J . 33.12 -5.28 -5.86
CAB HB0 J . 32.86 -3.81 -5.60
CAC HB0 J . 32.63 -3.18 -6.85
CAD HB0 J . 33.80 -3.37 -7.79
CAE HB0 J . 34.08 -4.81 -8.06
CAF HB0 J . 34.35 -5.43 -6.72
CAG HB0 J . 33.48 -2.67 -9.09
OAH HB0 J . 34.65 -2.70 -9.94
OAI HB0 J . 33.37 -5.96 -4.65
C1 EDO K . 26.80 -10.04 5.75
O1 EDO K . 26.05 -11.23 5.78
C2 EDO K . 27.91 -10.10 6.80
O2 EDO K . 28.91 -11.09 6.54
MG MG L . -3.48 11.86 -10.04
CAA HB0 M . -3.20 11.52 -17.45
CAB HB0 M . -3.87 11.73 -18.77
CAC HB0 M . -3.61 10.50 -19.54
CAD HB0 M . -2.14 10.43 -19.87
CAE HB0 M . -1.32 10.34 -18.59
CAF HB0 M . -1.69 11.49 -17.68
CAG HB0 M . -1.91 9.18 -20.71
OAH HB0 M . -0.51 8.93 -20.66
OAI HB0 M . -3.50 12.60 -16.58
C1 EDO N . -20.05 10.67 -10.32
O1 EDO N . -19.28 10.39 -9.15
C2 EDO N . -21.52 10.79 -9.95
O2 EDO N . -21.78 12.12 -9.52
MG MG O . -34.67 15.54 -0.68
CAA HB0 P . -38.40 9.83 -3.04
CAB HB0 P . -38.40 8.43 -3.54
CAC HB0 P . -39.37 8.33 -4.61
CAD HB0 P . -40.76 8.52 -4.00
CAE HB0 P . -40.87 9.90 -3.39
CAF HB0 P . -39.72 10.16 -2.44
CAG HB0 P . -41.76 8.32 -5.12
OAH HB0 P . -43.04 8.84 -4.74
OAI HB0 P . -37.40 9.95 -2.02
C1 EDO Q . -24.93 9.93 1.39
O1 EDO Q . -24.67 9.01 2.46
C2 EDO Q . -24.10 9.57 0.18
O2 EDO Q . -24.28 10.52 -0.89
#